data_8C44
#
_entry.id   8C44
#
_cell.length_a   1.00
_cell.length_b   1.00
_cell.length_c   1.00
_cell.angle_alpha   90.00
_cell.angle_beta   90.00
_cell.angle_gamma   90.00
#
_symmetry.space_group_name_H-M   'P 1'
#
loop_
_entity.id
_entity.type
_entity.pdbx_description
1 polymer PfEMP1
2 polymer 'Endothelial protein C receptor'
3 non-polymer PHOSPHATIDYLETHANOLAMINE
4 non-polymer 2-acetamido-2-deoxy-beta-D-glucopyranose
#
loop_
_entity_poly.entity_id
_entity_poly.type
_entity_poly.pdbx_seq_one_letter_code
_entity_poly.pdbx_strand_id
1 'polypeptide(L)'
;MASSASKFSKIVVGNETHKSARNVLEGFAKDIKGKASIDAEKHAYSLKGNLKDAKFNHDFFKIKSDMPGNPCYLDFAFHS
NTPGNQREYRHPCARSMNKNLFNLEGAVCTNSKIKGNEEKINGAGACAPYRRRHICDLNLEHIDVHNVQNIHDLLGNVLV
TAKYEGESIVEKHPNRGSSEVCTALARSFADIGDIIRGKDLYLGHEQGNNKLEARLKTIFQNIKNKNKSPLDKLSLEQVR
EYWWALNREDVWKALTCFADGSEEYFIQSSDKEHSFSSEYCGHEQGNVPTNLDYVPQFLRWFDEWADDFCRIKKIKLENV
KNACRDEKKRKYCSLNGFDCTQTIWKKGVLHRSNECTGCLVKCNPYEIWLGNQREAFRKQKEKYENEIKTYVHDTGISNS
NINNEYYKEFYKILKNNNYETANEFIKLLNEGRYCNKKEKIEEEEDIDFTNTNEKGTFYRSDYCQVCPDCGVECKNETCT
PKTVIYPDCGKNEKYEPPGDAKNTEINVINSGDKEGYIFEKLSEFCTNENTENINNYEQWKCYYDNKKNNNKCKMEINIA
NSKLKNKVTSFDEFFDFWVRKLLIDTIKWETELTYCINNTDKFWCNKCNKNCVCFDKWVKQKEDEWTNIMKLFTNKHDIP
KKYYLNINDLFDSFFFQVIYKFNEGEAKWNELKENLKKQIASSKANNGTKDSEAAIKVLFNHIKEIATICKDNNTNEGCD
PSVDSKTNSCGKNTKAGSDKVISVKQIAQYYKRIAHKQLNERGSRSALKGDASKGTYKKNGTPSNLKEICEITAKHSNDS
RRDGEPCTGKDGGQVRVRTKIGTPWTKIVEINKTSYKEVFLPPRRQHMCTSNLEHLNTGNKGLKDGKLAIHSLLGDVLLA
AKEQANFIKNKYKRQKASNGFKDKGTICRAIRYSYADLGDIIKGTDLWEANPGEKNTQRRLKTVFGIIKKNMPGIKDNQK
YKDDEKNNPPYKLLREDWWEANRDQVWQAMKCAMKNGITCGSSDHTPLDDYIPQKLRWLTEWAEWYCKAQSKEYEKLKEK
CKECKGNDQCTQDTPDCEKCKAACKKYGKNIKTWEDQWKVISSKYKELYKQAEIYAGNGGPGYYNTKVQEEDKPVVDFLY
NLYLQNGGKKGPPPDTHPSKSVTAPLKQVATVDTPSTVYSTPEGYIHQEAAMDCKQQHVFCDDNSGGKDDNKQYAFRHQP
HDYDEALRCDQRDKPPPESKKVEKAKKEKDENDDGGSHHHHHHGGGSAHIVVDAYKPTK
;
A
2 'polypeptide(L)'
;QRLHMLQISYFRDPYHVWYQGNASLGGHLTHVLEGPDTNTTIIQLQPLQEPESWARTQSGLQSYLLQFHGLVRLVHQERT
LAFPLTIRCFLGCELPPEGSRAHVFFEVAVNGSSFVSFRPERALWQADTQVTSGVVTFTLQQLNAYNRTRYELREFLEDT
CVQYVQKH
;
C
#
loop_
_chem_comp.id
_chem_comp.type
_chem_comp.name
_chem_comp.formula
NAG D-saccharide, beta linking 2-acetamido-2-deoxy-beta-D-glucopyranose 'C8 H15 N O6'
PTY non-polymer PHOSPHATIDYLETHANOLAMINE 'C40 H80 N O8 P'
#
# COMPACT_ATOMS: atom_id res chain seq x y z
N ASN A 503 29.94 -14.30 -2.94
CA ASN A 503 29.69 -15.29 -4.02
C ASN A 503 28.18 -15.30 -4.34
N THR A 504 27.56 -14.12 -4.46
CA THR A 504 26.11 -14.02 -4.76
C THR A 504 25.92 -13.02 -5.90
N GLU A 505 24.87 -13.20 -6.71
CA GLU A 505 24.60 -12.26 -7.83
C GLU A 505 23.31 -11.49 -7.51
N ILE A 506 23.36 -10.16 -7.61
CA ILE A 506 22.18 -9.32 -7.24
C ILE A 506 21.52 -8.80 -8.52
N ASN A 507 20.33 -9.32 -8.86
CA ASN A 507 19.58 -8.84 -10.02
C ASN A 507 19.51 -7.30 -10.00
N ASN A 536 17.98 -4.99 -20.30
CA ASN A 536 18.54 -3.64 -20.47
C ASN A 536 18.84 -2.91 -19.13
N TYR A 537 19.32 -3.68 -18.11
CA TYR A 537 19.67 -3.21 -16.76
C TYR A 537 20.96 -3.83 -16.27
N GLU A 538 21.38 -3.39 -15.09
CA GLU A 538 22.59 -3.84 -14.43
C GLU A 538 22.44 -5.21 -13.80
N GLN A 539 23.54 -5.92 -13.69
CA GLN A 539 23.59 -7.19 -12.99
C GLN A 539 24.92 -7.26 -12.26
N TRP A 540 24.92 -7.75 -11.02
CA TRP A 540 26.14 -7.77 -10.21
C TRP A 540 26.50 -9.08 -9.54
N LYS A 541 27.79 -9.33 -9.40
CA LYS A 541 28.25 -10.48 -8.62
C LYS A 541 28.99 -10.01 -7.38
N CYS A 542 28.41 -10.26 -6.16
CA CYS A 542 28.94 -9.79 -4.89
C CYS A 542 29.64 -10.89 -4.11
N TYR A 543 30.68 -10.47 -3.39
CA TYR A 543 31.42 -11.32 -2.50
C TYR A 543 31.36 -10.71 -1.12
N TYR A 544 31.47 -11.52 -0.10
CA TYR A 544 31.47 -10.96 1.23
C TYR A 544 32.32 -11.83 2.14
N ASP A 545 33.12 -11.17 2.97
CA ASP A 545 34.03 -11.76 3.93
C ASP A 545 33.34 -11.95 5.29
N ASN A 546 34.11 -12.30 6.35
CA ASN A 546 33.62 -12.54 7.72
C ASN A 546 32.80 -11.32 8.24
N ASN A 549 39.13 -4.58 3.20
CA ASN A 549 39.10 -5.99 2.85
C ASN A 549 38.75 -6.09 1.34
N ASN A 550 38.69 -7.34 0.82
CA ASN A 550 38.42 -7.70 -0.58
C ASN A 550 36.97 -8.16 -0.78
N ASN A 551 36.09 -7.67 0.08
CA ASN A 551 34.67 -7.96 0.02
C ASN A 551 34.02 -6.98 -0.94
N LYS A 552 34.40 -7.17 -2.20
CA LYS A 552 34.03 -6.37 -3.35
C LYS A 552 32.83 -6.98 -4.05
N CYS A 553 32.18 -6.20 -4.92
CA CYS A 553 31.06 -6.59 -5.75
C CYS A 553 31.31 -5.99 -7.14
N LYS A 554 31.12 -6.81 -8.18
CA LYS A 554 31.45 -6.34 -9.55
C LYS A 554 30.17 -6.15 -10.37
N MET A 555 30.14 -5.12 -11.22
CA MET A 555 28.96 -4.86 -12.07
C MET A 555 28.70 -6.08 -12.95
N LYS A 565 33.06 -0.02 -18.24
CA LYS A 565 32.48 -1.29 -18.64
C LYS A 565 32.16 -2.13 -17.37
N ASN A 566 33.19 -2.78 -16.77
CA ASN A 566 33.08 -3.62 -15.56
C ASN A 566 33.38 -2.79 -14.30
N LYS A 567 32.34 -2.29 -13.67
CA LYS A 567 32.49 -1.47 -12.49
C LYS A 567 32.76 -2.36 -11.29
N VAL A 568 33.78 -2.04 -10.51
CA VAL A 568 34.07 -2.82 -9.33
C VAL A 568 34.05 -1.91 -8.14
N THR A 569 33.26 -2.24 -7.14
CA THR A 569 33.14 -1.42 -5.96
C THR A 569 33.26 -2.28 -4.75
N SER A 570 33.40 -1.68 -3.59
CA SER A 570 33.36 -2.48 -2.38
C SER A 570 31.91 -2.88 -2.18
N PHE A 571 31.66 -3.88 -1.34
CA PHE A 571 30.30 -4.22 -1.01
C PHE A 571 29.59 -3.04 -0.41
N ASP A 572 30.23 -2.34 0.51
CA ASP A 572 29.57 -1.23 1.17
C ASP A 572 29.10 -0.20 0.18
N GLU A 573 29.91 0.09 -0.84
CA GLU A 573 29.45 1.02 -1.85
C GLU A 573 28.25 0.46 -2.57
N PHE A 574 28.27 -0.83 -2.89
CA PHE A 574 27.14 -1.44 -3.58
C PHE A 574 25.87 -1.32 -2.77
N PHE A 575 25.95 -1.64 -1.50
CA PHE A 575 24.83 -1.60 -0.61
C PHE A 575 24.26 -0.21 -0.60
N ASP A 576 25.13 0.80 -0.46
CA ASP A 576 24.70 2.18 -0.40
C ASP A 576 24.05 2.60 -1.70
N PHE A 577 24.59 2.16 -2.82
CA PHE A 577 23.98 2.51 -4.09
C PHE A 577 22.59 1.95 -4.17
N TRP A 578 22.46 0.67 -3.84
CA TRP A 578 21.16 0.04 -3.92
C TRP A 578 20.17 0.71 -3.00
N VAL A 579 20.56 0.97 -1.76
CA VAL A 579 19.63 1.57 -0.84
C VAL A 579 19.23 2.97 -1.23
N ARG A 580 20.15 3.82 -1.67
CA ARG A 580 19.69 5.15 -1.98
C ARG A 580 18.79 5.09 -3.20
N LYS A 581 19.03 4.18 -4.14
CA LYS A 581 18.13 4.11 -5.27
C LYS A 581 16.77 3.56 -4.84
N LEU A 582 16.74 2.63 -3.88
CA LEU A 582 15.47 2.09 -3.43
C LEU A 582 14.61 3.21 -2.87
N LEU A 583 15.19 4.08 -2.05
CA LEU A 583 14.48 5.20 -1.44
C LEU A 583 14.07 6.27 -2.43
N ILE A 584 14.93 6.60 -3.39
CA ILE A 584 14.59 7.62 -4.37
C ILE A 584 13.48 7.13 -5.25
N ASP A 585 13.58 5.89 -5.73
CA ASP A 585 12.57 5.32 -6.59
C ASP A 585 11.26 5.18 -5.86
N THR A 586 11.28 4.84 -4.57
CA THR A 586 10.06 4.74 -3.82
C THR A 586 9.33 6.04 -3.79
N ILE A 587 10.03 7.12 -3.52
CA ILE A 587 9.36 8.41 -3.46
C ILE A 587 8.82 8.77 -4.82
N LYS A 588 9.60 8.58 -5.88
CA LYS A 588 9.07 8.94 -7.19
C LYS A 588 7.83 8.12 -7.53
N TRP A 589 7.80 6.84 -7.19
CA TRP A 589 6.63 6.03 -7.48
C TRP A 589 5.42 6.47 -6.73
N GLU A 590 5.56 6.74 -5.44
CA GLU A 590 4.39 7.13 -4.68
C GLU A 590 3.86 8.45 -5.17
N THR A 591 4.76 9.35 -5.54
CA THR A 591 4.37 10.64 -6.03
C THR A 591 3.64 10.50 -7.36
N GLU A 592 4.18 9.71 -8.29
CA GLU A 592 3.58 9.56 -9.62
C GLU A 592 2.21 8.91 -9.57
N LEU A 593 2.04 7.96 -8.68
CA LEU A 593 0.80 7.24 -8.59
C LEU A 593 -0.23 7.91 -7.69
N THR A 594 0.10 9.04 -7.07
CA THR A 594 -0.81 9.65 -6.10
C THR A 594 -2.18 9.93 -6.63
N TYR A 595 -2.29 10.38 -7.87
CA TYR A 595 -3.62 10.67 -8.40
C TYR A 595 -4.56 9.45 -8.51
N CYS A 596 -4.01 8.23 -8.53
CA CYS A 596 -4.84 7.00 -8.66
C CYS A 596 -4.82 6.20 -7.36
N ILE A 597 -3.69 6.22 -6.64
CA ILE A 597 -3.60 5.49 -5.34
C ILE A 597 -4.85 5.78 -4.51
N CYS A 605 -8.44 6.72 -19.08
CA CYS A 605 -8.97 6.19 -17.83
C CYS A 605 -8.23 4.92 -17.35
N ASN A 606 -7.73 4.08 -18.30
CA ASN A 606 -7.02 2.82 -18.03
C ASN A 606 -5.51 3.05 -17.96
N LYS A 607 -5.12 4.30 -18.18
CA LYS A 607 -3.71 4.66 -18.23
C LYS A 607 -2.90 4.37 -16.97
N CYS A 608 -3.54 4.42 -15.76
CA CYS A 608 -2.84 4.19 -14.51
C CYS A 608 -3.01 2.74 -14.11
N ASN A 609 -3.77 1.96 -14.86
CA ASN A 609 -3.81 0.55 -14.52
C ASN A 609 -2.50 0.00 -15.01
N LYS A 610 -2.08 0.48 -16.17
CA LYS A 610 -0.83 0.02 -16.71
C LYS A 610 0.32 0.49 -15.84
N ASN A 611 0.29 1.75 -15.41
CA ASN A 611 1.38 2.23 -14.55
C ASN A 611 1.41 1.60 -13.15
N CYS A 612 0.22 1.34 -12.57
CA CYS A 612 0.05 0.76 -11.24
C CYS A 612 0.58 -0.67 -11.21
N VAL A 613 0.26 -1.46 -12.23
CA VAL A 613 0.77 -2.80 -12.24
C VAL A 613 2.28 -2.76 -12.36
N CYS A 614 2.83 -1.85 -13.18
CA CYS A 614 4.28 -1.77 -13.30
C CYS A 614 4.88 -1.55 -11.93
N PHE A 615 4.25 -0.72 -11.10
CA PHE A 615 4.73 -0.52 -9.74
C PHE A 615 4.75 -1.82 -8.98
N ASP A 616 3.68 -2.58 -9.01
CA ASP A 616 3.74 -3.82 -8.26
C ASP A 616 4.84 -4.76 -8.75
N LYS A 617 5.09 -4.80 -10.06
CA LYS A 617 6.16 -5.65 -10.56
C LYS A 617 7.51 -5.17 -10.01
N TRP A 618 7.66 -3.84 -9.96
CA TRP A 618 8.84 -3.17 -9.42
C TRP A 618 9.02 -3.57 -7.97
N VAL A 619 7.95 -3.56 -7.19
CA VAL A 619 8.09 -3.90 -5.79
C VAL A 619 8.58 -5.31 -5.63
N LYS A 620 8.02 -6.24 -6.37
CA LYS A 620 8.47 -7.62 -6.24
C LYS A 620 9.91 -7.78 -6.67
N GLN A 621 10.33 -7.10 -7.73
CA GLN A 621 11.71 -7.23 -8.14
C GLN A 621 12.65 -6.75 -7.07
N LYS A 622 12.31 -5.65 -6.42
CA LYS A 622 13.20 -5.13 -5.41
C LYS A 622 13.24 -6.06 -4.21
N GLU A 623 12.12 -6.67 -3.86
CA GLU A 623 12.13 -7.57 -2.72
C GLU A 623 13.06 -8.77 -3.01
N ASP A 624 13.06 -9.28 -4.25
CA ASP A 624 13.95 -10.39 -4.57
C ASP A 624 15.43 -9.95 -4.50
N GLU A 625 15.73 -8.73 -4.98
CA GLU A 625 17.11 -8.26 -4.93
C GLU A 625 17.54 -8.17 -3.49
N TRP A 626 16.64 -7.71 -2.64
CA TRP A 626 16.95 -7.61 -1.23
C TRP A 626 17.27 -8.97 -0.64
N THR A 627 16.48 -9.98 -0.97
CA THR A 627 16.75 -11.31 -0.45
C THR A 627 18.12 -11.78 -0.90
N ASN A 628 18.46 -11.54 -2.15
CA ASN A 628 19.75 -11.98 -2.66
C ASN A 628 20.89 -11.28 -1.92
N ILE A 629 20.69 -10.05 -1.49
CA ILE A 629 21.74 -9.38 -0.75
C ILE A 629 21.89 -10.08 0.59
N MET A 630 20.77 -10.40 1.23
CA MET A 630 20.80 -11.07 2.55
C MET A 630 21.48 -12.44 2.51
N LYS A 631 21.47 -13.09 1.34
CA LYS A 631 22.15 -14.36 1.15
C LYS A 631 23.67 -14.22 1.34
N LEU A 632 24.21 -13.00 1.27
CA LEU A 632 25.63 -12.80 1.47
C LEU A 632 26.01 -12.89 2.93
N PHE A 633 25.03 -12.74 3.80
CA PHE A 633 25.34 -12.73 5.21
C PHE A 633 24.94 -14.01 5.93
N THR A 634 23.79 -14.56 5.55
CA THR A 634 23.18 -15.76 6.13
C THR A 634 23.31 -15.85 7.66
N ASN A 635 23.03 -14.75 8.36
CA ASN A 635 23.07 -14.75 9.83
C ASN A 635 22.11 -13.71 10.44
N LYS A 636 20.86 -14.11 10.75
CA LYS A 636 19.76 -13.26 11.28
C LYS A 636 20.24 -12.34 12.43
N ILE A 639 23.78 -9.71 11.31
CA ILE A 639 24.13 -8.64 10.39
C ILE A 639 24.31 -7.36 11.25
N PRO A 640 25.48 -6.61 11.17
CA PRO A 640 25.76 -5.38 11.90
C PRO A 640 24.93 -4.21 11.38
N LYS A 641 24.79 -3.20 12.23
CA LYS A 641 24.04 -1.97 11.97
C LYS A 641 24.56 -1.17 10.80
N LYS A 642 25.75 -1.50 10.33
CA LYS A 642 26.32 -0.83 9.19
C LYS A 642 25.37 -1.02 8.01
N TYR A 643 24.67 -2.16 8.00
CA TYR A 643 23.68 -2.43 6.93
C TYR A 643 22.30 -2.44 7.58
N TYR A 644 22.23 -2.82 8.86
CA TYR A 644 20.94 -2.84 9.59
C TYR A 644 20.67 -1.43 10.14
N LEU A 645 20.39 -0.47 9.27
CA LEU A 645 20.02 0.89 9.73
C LEU A 645 18.63 0.85 10.37
N ASN A 646 18.40 1.61 11.43
CA ASN A 646 17.01 1.71 11.97
C ASN A 646 16.30 2.73 11.09
N ILE A 647 14.97 2.78 11.10
CA ILE A 647 14.31 3.72 10.13
C ILE A 647 14.82 5.14 10.38
N ASN A 648 14.96 5.52 11.66
CA ASN A 648 15.48 6.87 11.98
C ASN A 648 16.92 6.97 11.48
N ASP A 649 17.70 5.89 11.65
CA ASP A 649 19.10 5.87 11.18
C ASP A 649 19.10 5.96 9.66
N LEU A 650 18.37 5.06 8.99
CA LEU A 650 18.39 5.04 7.51
C LEU A 650 18.16 6.46 6.98
N PHE A 651 17.05 7.08 7.38
CA PHE A 651 16.70 8.43 6.85
C PHE A 651 17.76 9.48 7.21
N ASP A 652 18.26 9.43 8.44
CA ASP A 652 19.28 10.42 8.88
C ASP A 652 20.54 10.22 8.04
N SER A 653 20.81 8.97 7.65
CA SER A 653 22.00 8.66 6.86
C SER A 653 21.84 9.00 5.39
N PHE A 654 20.66 8.75 4.85
CA PHE A 654 20.39 9.01 3.45
C PHE A 654 19.67 10.31 3.22
N PHE A 655 19.62 11.19 4.24
CA PHE A 655 18.88 12.44 4.10
C PHE A 655 19.36 13.24 2.92
N PHE A 656 20.64 13.53 2.84
CA PHE A 656 21.02 14.41 1.76
C PHE A 656 20.96 13.75 0.42
N GLN A 657 21.31 12.48 0.36
CA GLN A 657 21.39 11.82 -0.93
C GLN A 657 20.05 11.73 -1.60
N VAL A 658 19.00 11.54 -0.83
CA VAL A 658 17.70 11.40 -1.43
C VAL A 658 16.99 12.73 -1.64
N ILE A 659 17.02 13.65 -0.67
CA ILE A 659 16.26 14.88 -0.85
C ILE A 659 16.86 15.68 -1.98
N TYR A 660 18.14 15.48 -2.24
CA TYR A 660 18.86 16.08 -3.34
C TYR A 660 18.14 15.94 -4.67
N LYS A 661 17.43 14.84 -4.87
CA LYS A 661 16.77 14.56 -6.13
C LYS A 661 15.36 15.13 -6.24
N PHE A 662 14.84 15.75 -5.18
CA PHE A 662 13.46 16.22 -5.25
C PHE A 662 13.17 17.66 -4.93
N ASN A 663 12.21 18.19 -5.65
CA ASN A 663 11.68 19.50 -5.38
C ASN A 663 10.82 19.32 -4.14
N GLU A 664 11.08 20.16 -3.15
CA GLU A 664 10.45 20.05 -1.84
C GLU A 664 10.78 18.69 -1.26
N GLY A 665 12.00 18.22 -1.52
CA GLY A 665 12.46 16.94 -1.05
C GLY A 665 12.37 16.76 0.43
N GLU A 666 12.55 17.81 1.21
CA GLU A 666 12.46 17.61 2.63
C GLU A 666 11.05 17.16 2.99
N ALA A 667 10.06 17.66 2.25
CA ALA A 667 8.66 17.23 2.50
C ALA A 667 8.53 15.73 2.19
N LYS A 668 8.97 15.32 1.00
CA LYS A 668 8.83 13.89 0.59
C LYS A 668 9.62 12.98 1.54
N TRP A 669 10.82 13.41 1.93
CA TRP A 669 11.67 12.61 2.85
C TRP A 669 10.93 12.47 4.18
N ASN A 670 10.28 13.56 4.62
CA ASN A 670 9.51 13.52 5.89
C ASN A 670 8.30 12.62 5.72
N GLU A 671 7.45 12.87 4.71
CA GLU A 671 6.25 12.07 4.59
C GLU A 671 6.57 10.60 4.57
N LEU A 672 7.65 10.21 3.89
CA LEU A 672 8.00 8.81 3.88
C LEU A 672 8.43 8.37 5.27
N LYS A 673 9.21 9.19 5.99
CA LYS A 673 9.60 8.77 7.32
C LYS A 673 8.39 8.57 8.18
N GLU A 674 7.42 9.47 8.08
CA GLU A 674 6.27 9.32 8.95
C GLU A 674 5.47 8.10 8.59
N ASN A 675 5.34 7.78 7.32
CA ASN A 675 4.54 6.63 6.96
C ASN A 675 5.20 5.34 7.42
N LEU A 676 6.52 5.30 7.36
CA LEU A 676 7.20 4.09 7.79
C LEU A 676 7.16 3.96 9.29
N LYS A 677 7.27 5.08 10.01
CA LYS A 677 7.19 5.01 11.44
C LYS A 677 5.81 4.56 11.86
N LYS A 678 4.77 5.02 11.15
CA LYS A 678 3.42 4.61 11.48
C LYS A 678 3.25 3.11 11.32
N GLN A 679 3.82 2.54 10.25
CA GLN A 679 3.67 1.10 10.10
C GLN A 679 4.39 0.31 11.16
N ILE A 680 5.59 0.73 11.55
CA ILE A 680 6.25 -0.07 12.55
C ILE A 680 5.56 0.11 13.89
N ALA A 681 5.05 1.32 14.16
CA ALA A 681 4.35 1.58 15.40
C ALA A 681 3.11 0.71 15.52
N SER A 682 2.38 0.52 14.41
CA SER A 682 1.22 -0.38 14.42
C SER A 682 1.66 -1.85 14.64
N SER A 683 2.74 -2.29 13.92
CA SER A 683 3.34 -3.60 13.97
C SER A 683 4.42 -3.60 15.07
N SER A 692 12.64 -1.59 17.08
CA SER A 692 13.83 -1.16 16.37
C SER A 692 14.20 -2.16 15.23
N GLU A 693 13.25 -2.31 14.27
CA GLU A 693 13.36 -3.17 13.07
C GLU A 693 14.07 -2.43 11.97
N ALA A 694 14.70 -3.16 11.08
CA ALA A 694 15.39 -2.52 10.00
C ALA A 694 14.44 -1.76 9.12
N ALA A 695 14.91 -0.63 8.72
CA ALA A 695 14.22 0.27 7.86
C ALA A 695 13.95 -0.32 6.52
N ILE A 696 14.84 -1.15 6.03
CA ILE A 696 14.61 -1.70 4.71
C ILE A 696 13.41 -2.62 4.77
N LYS A 697 13.30 -3.45 5.79
CA LYS A 697 12.15 -4.32 5.85
C LYS A 697 10.86 -3.53 6.01
N VAL A 698 10.88 -2.45 6.78
CA VAL A 698 9.65 -1.69 6.96
C VAL A 698 9.30 -1.05 5.62
N LEU A 699 10.29 -0.53 4.90
CA LEU A 699 10.01 0.05 3.62
C LEU A 699 9.40 -0.95 2.68
N PHE A 700 9.92 -2.18 2.66
CA PHE A 700 9.31 -3.16 1.77
C PHE A 700 7.86 -3.37 2.10
N ASN A 701 7.52 -3.43 3.37
CA ASN A 701 6.13 -3.62 3.67
C ASN A 701 5.32 -2.43 3.20
N HIS A 702 5.86 -1.22 3.29
CA HIS A 702 5.13 -0.04 2.86
C HIS A 702 4.88 -0.03 1.37
N ILE A 703 5.89 -0.35 0.58
CA ILE A 703 5.66 -0.34 -0.85
C ILE A 703 4.73 -1.48 -1.28
N LYS A 704 4.75 -2.62 -0.58
CA LYS A 704 3.80 -3.67 -0.90
C LYS A 704 2.37 -3.23 -0.58
N GLU A 705 2.14 -2.52 0.54
CA GLU A 705 0.79 -2.09 0.83
C GLU A 705 0.31 -1.11 -0.21
N ILE A 706 1.17 -0.21 -0.67
CA ILE A 706 0.73 0.73 -1.68
C ILE A 706 0.43 0.01 -2.97
N ALA A 707 1.28 -0.93 -3.37
CA ALA A 707 1.00 -1.59 -4.62
C ALA A 707 -0.35 -2.28 -4.59
N THR A 708 -0.70 -2.88 -3.46
CA THR A 708 -1.98 -3.53 -3.34
C THR A 708 -3.11 -2.52 -3.39
N ILE A 709 -2.96 -1.42 -2.66
CA ILE A 709 -4.01 -0.39 -2.61
C ILE A 709 -4.30 0.20 -3.96
N CYS A 710 -3.25 0.51 -4.74
CA CYS A 710 -3.34 1.05 -6.07
C CYS A 710 -4.00 0.03 -7.03
N LYS A 711 -3.47 -1.20 -7.07
CA LYS A 711 -4.02 -2.24 -7.98
C LYS A 711 -5.54 -2.34 -7.81
N ASP A 712 -6.02 -2.17 -6.58
CA ASP A 712 -7.47 -2.24 -6.28
C ASP A 712 -8.20 -1.12 -7.04
N ASN A 713 -7.61 0.06 -7.11
CA ASN A 713 -8.26 1.23 -7.74
C ASN A 713 -8.56 0.99 -9.23
N ASN A 714 -7.71 0.25 -9.92
CA ASN A 714 -7.88 0.05 -11.39
C ASN A 714 -8.57 -1.28 -11.67
N THR A 715 -8.10 -2.37 -11.05
CA THR A 715 -8.75 -3.69 -11.22
C THR A 715 -8.87 -3.99 -12.72
N ASN A 716 -7.82 -3.71 -13.49
CA ASN A 716 -7.87 -3.93 -14.96
C ASN A 716 -9.22 -3.46 -15.49
N LYS A 740 -19.85 3.59 -25.82
CA LYS A 740 -21.14 4.24 -25.58
C LYS A 740 -21.83 3.79 -24.27
N VAL A 741 -21.43 2.65 -23.68
CA VAL A 741 -22.01 2.07 -22.46
C VAL A 741 -21.02 1.94 -21.32
N ILE A 742 -21.42 2.49 -20.18
CA ILE A 742 -20.63 2.39 -18.97
C ILE A 742 -21.24 1.31 -18.13
N SER A 743 -20.47 0.28 -17.91
CA SER A 743 -20.90 -0.94 -17.28
C SER A 743 -21.06 -0.87 -15.79
N VAL A 744 -21.66 -1.93 -15.26
CA VAL A 744 -21.80 -2.11 -13.83
C VAL A 744 -20.42 -2.25 -13.22
N LYS A 745 -19.48 -2.91 -13.88
CA LYS A 745 -18.14 -3.03 -13.32
C LYS A 745 -17.48 -1.67 -13.22
N GLN A 746 -17.66 -0.80 -14.22
CA GLN A 746 -17.06 0.52 -14.16
C GLN A 746 -17.64 1.36 -13.05
N ILE A 747 -18.95 1.24 -12.83
CA ILE A 747 -19.57 1.96 -11.74
C ILE A 747 -19.11 1.32 -10.41
N ALA A 748 -18.98 0.00 -10.35
CA ALA A 748 -18.50 -0.58 -9.12
C ALA A 748 -17.14 -0.03 -8.78
N GLN A 749 -16.29 0.20 -9.79
CA GLN A 749 -14.96 0.77 -9.55
C GLN A 749 -15.12 2.15 -8.94
N TYR A 750 -16.08 2.91 -9.41
CA TYR A 750 -16.36 4.21 -8.82
C TYR A 750 -16.62 4.05 -7.33
N TYR A 751 -17.47 3.11 -6.95
CA TYR A 751 -17.76 2.93 -5.53
C TYR A 751 -16.58 2.38 -4.76
N LYS A 752 -15.73 1.60 -5.43
CA LYS A 752 -14.49 1.12 -4.82
C LYS A 752 -13.56 2.27 -4.51
N ARG A 753 -13.41 3.18 -5.45
CA ARG A 753 -12.54 4.31 -5.27
C ARG A 753 -13.06 5.20 -4.16
N ILE A 754 -14.39 5.33 -4.04
CA ILE A 754 -14.96 6.09 -2.95
C ILE A 754 -14.66 5.40 -1.65
N ALA A 755 -14.85 4.07 -1.62
CA ALA A 755 -14.62 3.30 -0.38
C ALA A 755 -13.25 3.64 0.21
N HIS A 756 -12.18 3.40 -0.56
CA HIS A 756 -10.81 3.65 -0.03
C HIS A 756 -10.67 5.14 0.30
N LYS A 757 -11.20 6.01 -0.55
CA LYS A 757 -11.16 7.47 -0.26
C LYS A 757 -11.63 7.70 1.17
N GLN A 758 -12.85 7.29 1.50
CA GLN A 758 -13.36 7.44 2.85
C GLN A 758 -12.45 6.77 3.87
N LEU A 759 -11.90 5.61 3.52
CA LEU A 759 -11.00 4.93 4.42
C LEU A 759 -9.74 5.73 4.62
N ASN A 760 -9.21 6.31 3.56
CA ASN A 760 -7.98 7.07 3.63
C ASN A 760 -8.17 8.28 4.53
N GLU A 761 -9.34 8.92 4.45
CA GLU A 761 -9.64 10.08 5.29
C GLU A 761 -9.74 9.69 6.75
N ARG A 762 -10.34 8.54 7.06
CA ARG A 762 -10.41 8.11 8.45
C ARG A 762 -9.00 7.70 8.90
N GLY A 763 -8.25 7.09 7.98
CA GLY A 763 -6.86 6.68 8.17
C GLY A 763 -6.64 5.37 8.91
N SER A 764 -7.71 4.67 9.20
CA SER A 764 -7.69 3.46 9.99
C SER A 764 -7.12 2.20 9.36
N ARG A 765 -6.85 2.17 8.06
CA ARG A 765 -6.39 0.90 7.49
C ARG A 765 -5.11 0.37 8.09
N SER A 766 -4.24 1.23 8.59
CA SER A 766 -3.00 0.76 9.18
C SER A 766 -3.24 0.03 10.50
N ALA A 767 -4.44 0.24 11.07
CA ALA A 767 -4.86 -0.40 12.30
C ALA A 767 -5.73 -1.61 12.01
N LEU A 768 -6.59 -1.50 10.98
CA LEU A 768 -7.58 -2.53 10.66
C LEU A 768 -7.11 -3.67 9.80
N LYS A 769 -6.07 -3.46 9.01
CA LYS A 769 -5.58 -4.55 8.19
C LYS A 769 -4.97 -5.56 9.14
N GLY A 770 -5.36 -6.81 9.05
CA GLY A 770 -4.82 -7.80 9.96
C GLY A 770 -3.63 -8.56 9.43
N ASP A 771 -3.17 -9.51 10.22
CA ASP A 771 -2.05 -10.36 9.87
C ASP A 771 -2.38 -11.79 10.28
N ALA A 772 -2.56 -12.66 9.29
CA ALA A 772 -3.00 -14.02 9.53
C ALA A 772 -2.10 -14.77 10.50
N SER A 773 -0.80 -14.44 10.52
CA SER A 773 0.14 -15.15 11.37
C SER A 773 -0.06 -14.86 12.85
N LYS A 774 -0.85 -13.83 13.16
CA LYS A 774 -1.12 -13.44 14.53
C LYS A 774 -2.46 -13.98 15.00
N GLY A 775 -3.12 -14.76 14.15
CA GLY A 775 -4.42 -15.33 14.49
C GLY A 775 -4.22 -16.74 15.05
N THR A 776 -5.28 -17.59 14.96
CA THR A 776 -5.32 -18.97 15.49
C THR A 776 -4.21 -19.83 14.83
N ARG A 818 -31.25 -25.97 -5.19
CA ARG A 818 -29.95 -26.25 -4.54
C ARG A 818 -28.95 -26.73 -5.60
N THR A 819 -28.50 -27.99 -5.49
CA THR A 819 -27.52 -28.55 -6.44
C THR A 819 -28.12 -28.58 -7.84
N LYS A 820 -29.41 -28.94 -7.95
CA LYS A 820 -30.05 -29.06 -9.29
C LYS A 820 -30.07 -27.69 -9.97
N ILE A 821 -29.83 -27.65 -11.28
CA ILE A 821 -29.87 -26.36 -12.03
C ILE A 821 -31.34 -25.97 -12.25
N GLY A 822 -32.17 -26.92 -12.71
CA GLY A 822 -33.54 -26.56 -12.99
C GLY A 822 -34.36 -26.08 -11.81
N THR A 823 -33.76 -25.99 -10.61
CA THR A 823 -34.54 -25.59 -9.45
C THR A 823 -34.68 -24.06 -9.35
N PRO A 824 -35.92 -23.50 -9.27
CA PRO A 824 -36.23 -22.08 -9.12
C PRO A 824 -35.63 -21.59 -7.81
N TRP A 825 -35.35 -20.31 -7.73
CA TRP A 825 -34.78 -19.78 -6.50
C TRP A 825 -35.79 -19.61 -5.41
N THR A 826 -35.37 -19.81 -4.16
CA THR A 826 -36.27 -19.60 -3.04
C THR A 826 -36.69 -18.14 -2.97
N LYS A 827 -37.99 -17.91 -2.86
CA LYS A 827 -38.59 -16.59 -2.80
C LYS A 827 -38.77 -16.10 -1.37
N ILE A 828 -38.02 -15.07 -0.97
CA ILE A 828 -38.08 -14.58 0.41
C ILE A 828 -38.57 -13.15 0.54
N VAL A 829 -39.57 -12.97 1.36
CA VAL A 829 -40.13 -11.65 1.66
C VAL A 829 -39.77 -11.16 3.08
N GLU A 830 -39.92 -12.04 4.10
CA GLU A 830 -39.69 -11.77 5.53
C GLU A 830 -39.33 -13.08 6.21
N GLU A 838 -38.96 -8.19 -1.84
CA GLU A 838 -39.09 -9.57 -2.31
C GLU A 838 -37.83 -9.91 -3.14
N VAL A 839 -36.98 -10.81 -2.59
CA VAL A 839 -35.68 -11.24 -3.13
C VAL A 839 -35.59 -12.75 -3.31
N PHE A 840 -35.06 -13.15 -4.46
CA PHE A 840 -34.86 -14.57 -4.70
C PHE A 840 -33.45 -14.94 -4.28
N LEU A 841 -33.32 -15.99 -3.49
CA LEU A 841 -32.05 -16.43 -2.93
C LEU A 841 -31.37 -17.54 -3.72
N PRO A 842 -30.17 -17.33 -4.30
CA PRO A 842 -29.46 -18.29 -5.09
C PRO A 842 -29.13 -19.53 -4.27
N PRO A 843 -29.17 -20.74 -4.84
CA PRO A 843 -28.81 -21.97 -4.15
C PRO A 843 -27.34 -21.94 -3.76
N ARG A 844 -26.58 -21.15 -4.51
CA ARG A 844 -25.18 -20.94 -4.27
C ARG A 844 -24.94 -20.26 -2.93
N ARG A 845 -25.83 -19.33 -2.57
CA ARG A 845 -25.70 -18.58 -1.34
C ARG A 845 -26.15 -19.44 -0.20
N GLN A 846 -27.13 -20.30 -0.47
CA GLN A 846 -27.62 -21.16 0.57
C GLN A 846 -26.51 -22.11 1.02
N HIS A 847 -25.72 -22.59 0.07
CA HIS A 847 -24.64 -23.50 0.39
C HIS A 847 -23.32 -22.77 0.64
N MET A 848 -23.36 -21.91 1.64
CA MET A 848 -22.22 -21.10 2.07
C MET A 848 -21.58 -21.72 3.32
N CYS A 849 -20.23 -21.82 3.34
CA CYS A 849 -19.40 -22.32 4.44
C CYS A 849 -19.33 -21.29 5.57
N LEU A 868 -6.24 -10.39 20.02
CA LEU A 868 -6.27 -9.64 18.73
C LEU A 868 -7.56 -9.97 17.98
N ALA A 869 -8.62 -9.19 18.21
CA ALA A 869 -9.92 -9.48 17.56
C ALA A 869 -9.75 -9.35 16.04
N ILE A 870 -8.99 -8.36 15.60
CA ILE A 870 -8.73 -8.18 14.14
C ILE A 870 -8.00 -9.42 13.61
N HIS A 871 -6.86 -9.79 14.22
CA HIS A 871 -6.11 -10.90 13.66
C HIS A 871 -6.93 -12.17 13.80
N SER A 872 -7.70 -12.28 14.90
CA SER A 872 -8.52 -13.46 15.08
C SER A 872 -9.63 -13.47 14.04
N LEU A 873 -10.22 -12.30 13.77
CA LEU A 873 -11.26 -12.21 12.77
C LEU A 873 -10.69 -12.48 11.42
N LEU A 874 -9.56 -11.89 11.08
CA LEU A 874 -9.07 -12.15 9.75
C LEU A 874 -8.81 -13.63 9.60
N GLY A 875 -8.25 -14.28 10.62
CA GLY A 875 -8.01 -15.70 10.48
C GLY A 875 -9.30 -16.48 10.22
N ASP A 876 -10.40 -16.14 10.90
CA ASP A 876 -11.66 -16.83 10.68
C ASP A 876 -12.25 -16.56 9.31
N VAL A 877 -12.10 -15.33 8.83
CA VAL A 877 -12.62 -14.97 7.52
C VAL A 877 -11.83 -15.65 6.44
N LEU A 878 -10.51 -15.65 6.58
CA LEU A 878 -9.68 -16.28 5.58
C LEU A 878 -9.95 -17.75 5.53
N LEU A 879 -10.19 -18.38 6.67
CA LEU A 879 -10.49 -19.78 6.67
C LEU A 879 -11.81 -20.03 5.97
N ALA A 880 -12.83 -19.22 6.27
CA ALA A 880 -14.11 -19.42 5.61
C ALA A 880 -13.98 -19.22 4.11
N ALA A 881 -13.18 -18.23 3.71
CA ALA A 881 -12.99 -17.95 2.31
C ALA A 881 -12.32 -19.13 1.62
N LYS A 882 -11.32 -19.72 2.27
CA LYS A 882 -10.63 -20.86 1.69
C LYS A 882 -11.57 -22.04 1.58
N GLU A 883 -12.37 -22.28 2.62
CA GLU A 883 -13.27 -23.40 2.60
C GLU A 883 -14.29 -23.27 1.50
N GLN A 884 -14.82 -22.05 1.28
CA GLN A 884 -15.81 -21.89 0.24
C GLN A 884 -15.19 -22.12 -1.11
N ALA A 885 -13.96 -21.66 -1.30
CA ALA A 885 -13.33 -21.85 -2.59
C ALA A 885 -13.10 -23.33 -2.87
N ASN A 886 -12.69 -24.10 -1.84
CA ASN A 886 -12.48 -25.53 -2.02
C ASN A 886 -13.80 -26.26 -2.15
N PHE A 887 -14.82 -25.78 -1.46
CA PHE A 887 -16.12 -26.38 -1.54
C PHE A 887 -16.65 -26.29 -2.93
N ILE A 888 -16.60 -25.12 -3.52
CA ILE A 888 -17.11 -25.01 -4.85
C ILE A 888 -16.23 -25.82 -5.80
N LYS A 889 -14.92 -25.65 -5.71
CA LYS A 889 -14.03 -26.40 -6.58
C LYS A 889 -14.20 -27.91 -6.54
N ASN A 890 -14.32 -28.49 -5.36
CA ASN A 890 -14.36 -29.93 -5.27
C ASN A 890 -15.75 -30.54 -5.20
N LYS A 891 -16.74 -29.82 -4.69
CA LYS A 891 -18.06 -30.40 -4.50
C LYS A 891 -19.18 -29.83 -5.38
N TYR A 892 -18.90 -28.73 -6.08
CA TYR A 892 -19.96 -28.08 -6.90
C TYR A 892 -20.34 -29.01 -8.06
N ASP A 903 -18.72 -25.85 -14.98
CA ASP A 903 -18.08 -25.20 -16.16
C ASP A 903 -17.01 -24.22 -15.70
N LYS A 904 -16.11 -23.82 -16.59
CA LYS A 904 -15.10 -22.79 -16.22
C LYS A 904 -15.83 -21.52 -15.82
N GLY A 905 -16.53 -20.89 -16.78
CA GLY A 905 -17.32 -19.73 -16.45
C GLY A 905 -18.17 -19.99 -15.20
N THR A 906 -18.65 -21.22 -15.01
CA THR A 906 -19.44 -21.52 -13.82
C THR A 906 -18.56 -21.56 -12.59
N ILE A 907 -17.39 -22.17 -12.69
CA ILE A 907 -16.63 -22.30 -11.46
C ILE A 907 -16.12 -20.94 -11.03
N CYS A 908 -15.74 -20.10 -12.01
CA CYS A 908 -15.23 -18.78 -11.73
C CYS A 908 -16.28 -17.86 -11.18
N ARG A 909 -17.46 -17.85 -11.78
CA ARG A 909 -18.49 -16.98 -11.29
C ARG A 909 -18.94 -17.43 -9.93
N ALA A 910 -19.00 -18.73 -9.68
CA ALA A 910 -19.42 -19.17 -8.37
C ALA A 910 -18.43 -18.76 -7.29
N ILE A 911 -17.13 -18.87 -7.55
CA ILE A 911 -16.16 -18.47 -6.53
C ILE A 911 -16.20 -16.98 -6.33
N ARG A 912 -16.21 -16.22 -7.43
CA ARG A 912 -16.24 -14.78 -7.37
C ARG A 912 -17.50 -14.23 -6.70
N TYR A 913 -18.67 -14.81 -6.98
CA TYR A 913 -19.87 -14.29 -6.35
C TYR A 913 -19.84 -14.65 -4.90
N SER A 914 -19.32 -15.82 -4.52
CA SER A 914 -19.27 -16.16 -3.12
C SER A 914 -18.35 -15.22 -2.37
N TYR A 915 -17.26 -14.81 -3.01
CA TYR A 915 -16.38 -13.80 -2.42
C TYR A 915 -17.13 -12.52 -2.13
N ALA A 916 -17.89 -12.05 -3.11
CA ALA A 916 -18.69 -10.81 -2.92
C ALA A 916 -19.73 -11.02 -1.82
N ASP A 917 -20.36 -12.19 -1.79
CA ASP A 917 -21.38 -12.49 -0.75
C ASP A 917 -20.71 -12.47 0.63
N LEU A 918 -19.49 -13.02 0.71
CA LEU A 918 -18.77 -13.05 2.01
C LEU A 918 -18.49 -11.62 2.47
N GLY A 919 -18.12 -10.73 1.54
CA GLY A 919 -17.91 -9.32 1.89
C GLY A 919 -19.20 -8.70 2.39
N ASP A 920 -20.31 -9.02 1.74
CA ASP A 920 -21.63 -8.51 2.20
C ASP A 920 -21.90 -9.01 3.62
N ILE A 921 -21.53 -10.26 3.90
CA ILE A 921 -21.83 -10.82 5.23
C ILE A 921 -21.08 -10.05 6.30
N ILE A 922 -19.80 -9.83 6.05
CA ILE A 922 -18.90 -9.11 6.95
C ILE A 922 -19.27 -7.65 7.08
N LYS A 923 -19.58 -7.01 5.95
CA LYS A 923 -20.00 -5.61 5.95
C LYS A 923 -21.36 -5.47 6.63
N GLY A 924 -22.19 -6.53 6.56
CA GLY A 924 -23.51 -6.52 7.17
C GLY A 924 -24.54 -5.86 6.27
N THR A 925 -24.29 -5.95 4.98
CA THR A 925 -25.14 -5.33 3.97
C THR A 925 -25.85 -6.38 3.13
N ASP A 926 -25.82 -7.62 3.60
CA ASP A 926 -26.39 -8.76 2.89
C ASP A 926 -27.91 -8.74 2.94
N LEU A 927 -28.50 -9.41 1.97
CA LEU A 927 -29.95 -9.55 1.84
C LEU A 927 -30.51 -10.74 2.58
N TRP A 928 -29.75 -11.80 2.74
CA TRP A 928 -30.38 -12.97 3.34
C TRP A 928 -30.32 -12.99 4.86
N GLU A 929 -31.08 -12.11 5.48
CA GLU A 929 -31.08 -11.99 6.94
C GLU A 929 -32.16 -12.82 7.64
N ALA A 930 -32.99 -13.49 6.84
CA ALA A 930 -34.08 -14.33 7.33
C ALA A 930 -33.64 -15.58 8.10
N ASN A 931 -32.51 -16.17 7.69
CA ASN A 931 -31.98 -17.41 8.24
C ASN A 931 -31.34 -17.26 9.64
N PRO A 932 -31.73 -18.06 10.65
CA PRO A 932 -31.19 -17.99 11.99
C PRO A 932 -29.70 -18.31 12.12
N GLY A 933 -29.12 -19.07 11.18
CA GLY A 933 -27.69 -19.35 11.26
C GLY A 933 -26.95 -18.12 10.82
N GLU A 934 -27.58 -17.42 9.87
CA GLU A 934 -27.00 -16.20 9.34
C GLU A 934 -27.10 -15.13 10.41
N LYS A 935 -28.20 -15.14 11.17
CA LYS A 935 -28.39 -14.18 12.25
C LYS A 935 -27.35 -14.42 13.35
N ASN A 936 -27.05 -15.69 13.63
CA ASN A 936 -26.06 -16.01 14.65
C ASN A 936 -24.70 -15.47 14.22
N THR A 937 -24.40 -15.61 12.93
CA THR A 937 -23.15 -15.13 12.39
C THR A 937 -23.07 -13.62 12.48
N GLN A 938 -24.15 -12.95 12.12
CA GLN A 938 -24.13 -11.51 12.12
C GLN A 938 -23.97 -10.97 13.53
N ARG A 939 -24.56 -11.62 14.53
CA ARG A 939 -24.35 -11.16 15.90
C ARG A 939 -22.91 -11.34 16.33
N ARG A 940 -22.26 -12.45 15.91
CA ARG A 940 -20.87 -12.64 16.26
C ARG A 940 -20.03 -11.52 15.67
N LEU A 941 -20.36 -11.10 14.43
CA LEU A 941 -19.63 -9.99 13.83
C LEU A 941 -19.85 -8.70 14.60
N LYS A 942 -21.06 -8.44 15.07
CA LYS A 942 -21.25 -7.21 15.83
C LYS A 942 -20.38 -7.23 17.07
N THR A 943 -20.29 -8.40 17.71
CA THR A 943 -19.49 -8.52 18.91
C THR A 943 -18.02 -8.28 18.64
N VAL A 944 -17.47 -8.94 17.62
CA VAL A 944 -16.01 -8.83 17.35
C VAL A 944 -15.67 -7.38 16.97
N PHE A 945 -16.45 -6.78 16.07
CA PHE A 945 -16.12 -5.40 15.61
C PHE A 945 -16.22 -4.43 16.78
N GLY A 946 -17.20 -4.59 17.66
CA GLY A 946 -17.24 -3.74 18.87
C GLY A 946 -15.91 -3.85 19.58
N ILE A 947 -15.48 -5.10 19.88
CA ILE A 947 -14.18 -5.31 20.47
C ILE A 947 -13.11 -4.56 19.68
N ILE A 948 -13.17 -4.65 18.35
CA ILE A 948 -12.20 -3.97 17.54
C ILE A 948 -12.29 -2.48 17.78
N LYS A 949 -13.50 -1.92 17.82
CA LYS A 949 -13.68 -0.50 18.06
C LYS A 949 -13.06 -0.05 19.38
N LYS A 950 -13.29 -0.78 20.49
CA LYS A 950 -12.72 -0.30 21.75
C LYS A 950 -11.20 -0.35 21.77
N MET A 952 -9.30 0.42 19.14
CA MET A 952 -8.70 1.28 18.14
C MET A 952 -8.02 2.45 18.82
N PRO A 970 -24.63 -1.50 14.55
CA PRO A 970 -24.22 -2.65 13.74
C PRO A 970 -22.78 -2.55 13.21
N TYR A 971 -22.06 -1.51 13.60
CA TYR A 971 -20.61 -1.34 13.23
C TYR A 971 -20.41 -1.46 11.73
N LYS A 972 -21.46 -1.26 10.92
CA LYS A 972 -21.30 -1.49 9.47
C LYS A 972 -20.26 -0.53 8.87
N LEU A 973 -20.26 0.74 9.29
CA LEU A 973 -19.32 1.72 8.68
C LEU A 973 -17.87 1.31 8.97
N LEU A 974 -17.59 0.86 10.20
CA LEU A 974 -16.23 0.37 10.53
C LEU A 974 -16.03 -0.93 9.76
N ARG A 975 -17.04 -1.79 9.76
CA ARG A 975 -16.99 -3.02 9.02
C ARG A 975 -16.73 -2.77 7.54
N GLU A 976 -17.26 -1.68 7.00
CA GLU A 976 -17.00 -1.36 5.61
C GLU A 976 -15.52 -1.11 5.44
N ASP A 977 -14.90 -0.44 6.43
CA ASP A 977 -13.49 -0.15 6.39
C ASP A 977 -12.64 -1.38 6.64
N TRP A 978 -13.04 -2.18 7.63
CA TRP A 978 -12.23 -3.38 8.00
C TRP A 978 -12.21 -4.34 6.81
N TRP A 979 -13.38 -4.59 6.20
CA TRP A 979 -13.43 -5.45 5.00
C TRP A 979 -12.62 -4.78 3.87
N GLU A 980 -12.75 -3.46 3.72
CA GLU A 980 -11.94 -2.74 2.71
C GLU A 980 -10.46 -2.87 3.08
N ALA A 981 -10.15 -2.77 4.38
CA ALA A 981 -8.76 -2.89 4.85
C ALA A 981 -8.30 -4.35 4.70
N ASN A 982 -9.26 -5.28 4.52
CA ASN A 982 -8.88 -6.71 4.44
C ASN A 982 -9.64 -7.43 3.33
N ARG A 983 -9.68 -6.87 2.11
CA ARG A 983 -10.29 -7.62 1.02
C ARG A 983 -9.30 -8.37 0.14
N ASP A 984 -8.03 -7.96 0.12
CA ASP A 984 -7.03 -8.64 -0.69
C ASP A 984 -6.62 -9.93 -0.03
N GLN A 985 -6.64 -9.91 1.29
CA GLN A 985 -6.25 -11.08 2.04
C GLN A 985 -7.32 -12.15 1.85
N VAL A 986 -8.57 -11.69 1.84
CA VAL A 986 -9.67 -12.61 1.70
C VAL A 986 -9.71 -13.14 0.30
N TRP A 987 -9.53 -12.30 -0.69
CA TRP A 987 -9.53 -12.82 -2.03
C TRP A 987 -8.40 -13.80 -2.31
N GLN A 988 -7.18 -13.54 -1.84
CA GLN A 988 -6.13 -14.48 -2.17
C GLN A 988 -6.42 -15.84 -1.58
N ALA A 989 -7.11 -15.88 -0.44
CA ALA A 989 -7.47 -17.12 0.19
C ALA A 989 -8.36 -17.98 -0.70
N MET A 990 -9.07 -17.37 -1.64
CA MET A 990 -10.01 -18.10 -2.45
C MET A 990 -9.41 -18.62 -3.73
N LYS A 991 -8.13 -18.39 -3.94
CA LYS A 991 -7.44 -18.87 -5.12
C LYS A 991 -6.57 -20.10 -4.83
N CYS A 992 -6.74 -20.68 -3.66
CA CYS A 992 -5.95 -21.80 -3.21
C CYS A 992 -6.21 -23.14 -3.89
N ALA A 993 -5.12 -23.89 -4.07
CA ALA A 993 -5.09 -25.27 -4.58
C ALA A 993 -5.77 -25.48 -5.93
N MET A 994 -5.61 -24.55 -6.85
CA MET A 994 -6.26 -24.71 -8.14
C MET A 994 -5.42 -24.25 -9.31
N LYS A 995 -5.70 -24.84 -10.47
CA LYS A 995 -5.05 -24.47 -11.74
C LYS A 995 -6.06 -23.81 -12.68
N ASN A 996 -7.21 -23.45 -12.13
CA ASN A 996 -8.29 -22.83 -12.87
C ASN A 996 -8.12 -21.33 -12.81
N GLY A 997 -7.60 -20.73 -13.87
CA GLY A 997 -7.39 -19.31 -13.77
C GLY A 997 -8.74 -18.64 -13.65
N ILE A 998 -8.80 -17.65 -12.77
CA ILE A 998 -9.98 -16.86 -12.49
C ILE A 998 -9.65 -15.40 -12.72
N THR A 999 -8.46 -15.21 -13.23
CA THR A 999 -7.81 -13.92 -13.42
C THR A 999 -8.32 -13.30 -14.71
N CYS A 1000 -9.59 -12.97 -14.71
CA CYS A 1000 -10.25 -12.53 -15.92
C CYS A 1000 -10.82 -11.10 -15.87
N GLY A 1001 -10.00 -10.11 -16.21
CA GLY A 1001 -10.43 -8.72 -16.17
C GLY A 1001 -10.20 -7.96 -14.87
N SER A 1002 -9.34 -8.46 -13.98
CA SER A 1002 -9.06 -7.79 -12.72
C SER A 1002 -7.55 -7.71 -12.44
N SER A 1003 -7.14 -6.74 -11.63
CA SER A 1003 -5.73 -6.54 -11.31
C SER A 1003 -5.56 -7.05 -9.92
N ASP A 1004 -4.43 -7.71 -9.67
CA ASP A 1004 -4.12 -8.41 -8.40
C ASP A 1004 -5.13 -9.51 -8.26
N HIS A 1005 -5.71 -9.85 -9.40
CA HIS A 1005 -6.72 -10.82 -9.65
C HIS A 1005 -7.94 -10.56 -8.77
N THR A 1006 -8.08 -9.33 -8.24
CA THR A 1006 -9.12 -9.01 -7.28
C THR A 1006 -10.31 -8.31 -7.94
N PRO A 1007 -11.51 -8.89 -7.88
CA PRO A 1007 -12.71 -8.44 -8.52
C PRO A 1007 -13.30 -7.25 -7.82
N LEU A 1008 -14.23 -6.59 -8.49
CA LEU A 1008 -15.01 -5.46 -7.96
C LEU A 1008 -16.39 -5.88 -7.54
N ASP A 1009 -16.64 -7.17 -7.50
CA ASP A 1009 -17.96 -7.65 -7.23
C ASP A 1009 -18.48 -7.28 -5.86
N ASP A 1010 -17.62 -7.02 -4.90
CA ASP A 1010 -18.09 -6.66 -3.57
C ASP A 1010 -18.56 -5.20 -3.50
N TYR A 1011 -18.43 -4.47 -4.63
CA TYR A 1011 -18.88 -3.09 -4.79
C TYR A 1011 -20.06 -2.99 -5.72
N ILE A 1012 -20.64 -4.14 -6.10
CA ILE A 1012 -21.83 -4.15 -6.91
C ILE A 1012 -22.93 -4.52 -5.95
N PRO A 1013 -24.00 -3.74 -5.79
CA PRO A 1013 -25.05 -3.99 -4.85
C PRO A 1013 -25.50 -5.40 -5.04
N GLN A 1014 -25.72 -6.09 -3.94
CA GLN A 1014 -26.04 -7.49 -4.00
C GLN A 1014 -27.24 -7.76 -4.86
N LYS A 1015 -28.23 -6.89 -4.85
CA LYS A 1015 -29.39 -7.14 -5.67
C LYS A 1015 -29.05 -7.20 -7.15
N LEU A 1016 -28.05 -6.45 -7.57
CA LEU A 1016 -27.62 -6.47 -8.99
C LEU A 1016 -26.95 -7.81 -9.30
N ARG A 1017 -25.98 -8.22 -8.46
CA ARG A 1017 -25.22 -9.46 -8.74
C ARG A 1017 -26.15 -10.68 -8.74
N TRP A 1018 -27.08 -10.73 -7.77
CA TRP A 1018 -28.04 -11.87 -7.70
C TRP A 1018 -28.91 -11.88 -8.95
N LEU A 1019 -29.35 -10.70 -9.41
CA LEU A 1019 -30.14 -10.62 -10.67
C LEU A 1019 -29.29 -11.19 -11.80
N THR A 1020 -28.13 -10.59 -12.06
CA THR A 1020 -27.24 -11.09 -13.08
C THR A 1020 -27.16 -12.62 -12.97
N GLU A 1021 -26.98 -13.10 -11.74
CA GLU A 1021 -26.89 -14.52 -11.47
C GLU A 1021 -28.17 -15.28 -11.76
N TRP A 1022 -29.33 -14.73 -11.44
CA TRP A 1022 -30.57 -15.43 -11.71
C TRP A 1022 -30.68 -15.71 -13.16
N ALA A 1023 -30.40 -14.73 -13.99
CA ALA A 1023 -30.53 -14.98 -15.41
C ALA A 1023 -29.59 -16.08 -15.87
N GLU A 1024 -28.39 -16.15 -15.31
CA GLU A 1024 -27.45 -17.18 -15.71
C GLU A 1024 -27.99 -18.56 -15.33
N TRP A 1025 -28.58 -18.68 -14.13
CA TRP A 1025 -29.16 -19.94 -13.71
C TRP A 1025 -30.40 -20.27 -14.51
N TYR A 1026 -31.19 -19.26 -14.84
CA TYR A 1026 -32.36 -19.49 -15.65
C TYR A 1026 -32.03 -20.09 -16.99
N CYS A 1027 -31.06 -19.50 -17.74
CA CYS A 1027 -30.67 -20.03 -19.03
C CYS A 1027 -30.00 -21.40 -18.91
N LYS A 1028 -29.41 -21.70 -17.77
CA LYS A 1028 -28.93 -23.07 -17.63
C LYS A 1028 -30.16 -23.98 -17.52
N ALA A 1029 -31.19 -23.55 -16.76
CA ALA A 1029 -32.42 -24.32 -16.60
C ALA A 1029 -33.16 -24.48 -17.89
N GLN A 1030 -33.17 -23.45 -18.72
CA GLN A 1030 -33.86 -23.55 -19.97
C GLN A 1030 -33.18 -24.56 -20.85
N SER A 1031 -31.85 -24.55 -20.89
CA SER A 1031 -31.17 -25.53 -21.72
C SER A 1031 -31.36 -26.93 -21.16
N LYS A 1032 -31.32 -27.10 -19.85
CA LYS A 1032 -31.49 -28.43 -19.32
C LYS A 1032 -32.86 -29.00 -19.73
N GLU A 1033 -33.92 -28.19 -19.67
CA GLU A 1033 -35.24 -28.65 -20.09
C GLU A 1033 -35.34 -28.77 -21.60
N TYR A 1034 -34.71 -27.86 -22.32
CA TYR A 1034 -34.71 -27.84 -23.77
C TYR A 1034 -34.20 -29.14 -24.31
N GLU A 1035 -33.10 -29.62 -23.73
CA GLU A 1035 -32.39 -30.82 -24.12
C GLU A 1035 -33.22 -32.09 -23.95
N LYS A 1036 -34.35 -32.01 -23.25
CA LYS A 1036 -35.19 -33.17 -23.12
C LYS A 1036 -36.04 -33.35 -24.38
N LEU A 1037 -36.18 -32.28 -25.19
CA LEU A 1037 -37.01 -32.34 -26.37
C LEU A 1037 -36.19 -32.82 -27.55
N LYS A 1038 -35.70 -34.06 -27.47
CA LYS A 1038 -34.87 -34.65 -28.51
C LYS A 1038 -35.56 -35.77 -29.24
N GLU A 1039 -35.18 -37.03 -29.02
CA GLU A 1039 -35.79 -38.14 -29.76
C GLU A 1039 -37.29 -38.17 -29.51
N LYS A 1061 -45.49 -33.25 -28.64
CA LYS A 1061 -46.15 -32.12 -28.01
C LYS A 1061 -46.96 -32.70 -26.87
N ALA A 1062 -46.20 -33.24 -25.93
CA ALA A 1062 -46.64 -33.90 -24.73
C ALA A 1062 -45.52 -33.64 -23.77
N ALA A 1063 -44.33 -33.44 -24.35
CA ALA A 1063 -43.09 -33.18 -23.63
C ALA A 1063 -42.92 -31.68 -23.45
N CYS A 1064 -43.86 -30.94 -24.05
CA CYS A 1064 -43.93 -29.49 -24.11
C CYS A 1064 -45.07 -29.04 -23.26
N LYS A 1065 -45.29 -29.85 -22.25
CA LYS A 1065 -46.23 -29.72 -21.17
C LYS A 1065 -45.39 -29.97 -19.93
N LYS A 1066 -44.08 -29.72 -20.09
CA LYS A 1066 -43.11 -29.83 -18.99
C LYS A 1066 -42.21 -28.64 -19.30
N TYR A 1067 -41.51 -28.70 -20.44
CA TYR A 1067 -40.77 -27.50 -20.91
C TYR A 1067 -41.85 -26.50 -21.31
N GLY A 1068 -41.64 -25.20 -21.07
CA GLY A 1068 -42.70 -24.20 -21.34
C GLY A 1068 -43.65 -24.18 -20.14
N LYS A 1069 -43.34 -24.99 -19.12
CA LYS A 1069 -44.13 -25.01 -17.86
C LYS A 1069 -43.06 -24.85 -16.80
N ASN A 1070 -42.06 -25.73 -16.81
CA ASN A 1070 -40.92 -25.51 -15.94
C ASN A 1070 -40.41 -24.12 -16.25
N ILE A 1071 -40.57 -23.73 -17.51
CA ILE A 1071 -40.21 -22.43 -18.03
C ILE A 1071 -41.12 -21.37 -17.42
N LYS A 1072 -42.40 -21.67 -17.32
CA LYS A 1072 -43.35 -20.75 -16.73
C LYS A 1072 -43.00 -20.52 -15.26
N THR A 1073 -42.63 -21.57 -14.55
CA THR A 1073 -42.27 -21.39 -13.16
C THR A 1073 -41.12 -20.39 -13.04
N TRP A 1074 -40.09 -20.55 -13.88
CA TRP A 1074 -38.94 -19.61 -13.84
C TRP A 1074 -39.35 -18.26 -14.42
N GLU A 1075 -40.33 -18.26 -15.33
CA GLU A 1075 -40.79 -17.00 -15.98
C GLU A 1075 -41.37 -16.09 -14.90
N ASP A 1076 -42.11 -16.67 -13.95
CA ASP A 1076 -42.76 -15.87 -12.89
C ASP A 1076 -41.69 -15.15 -12.06
N GLN A 1077 -40.58 -15.81 -11.75
CA GLN A 1077 -39.54 -15.19 -10.90
C GLN A 1077 -39.00 -13.95 -11.60
N TRP A 1078 -38.79 -14.04 -12.92
CA TRP A 1078 -38.30 -12.87 -13.70
C TRP A 1078 -39.28 -11.70 -13.54
N LYS A 1079 -40.59 -11.97 -13.71
CA LYS A 1079 -41.62 -10.91 -13.58
C LYS A 1079 -41.34 -10.14 -12.29
N VAL A 1080 -41.26 -10.85 -11.16
CA VAL A 1080 -41.02 -10.18 -9.89
C VAL A 1080 -39.73 -9.36 -9.94
N ILE A 1081 -38.69 -9.95 -10.50
CA ILE A 1081 -37.38 -9.34 -10.63
C ILE A 1081 -37.40 -8.10 -11.49
N SER A 1082 -38.08 -8.19 -12.63
CA SER A 1082 -38.20 -7.11 -13.58
C SER A 1082 -38.95 -5.95 -12.98
N SER A 1083 -40.05 -6.22 -12.29
CA SER A 1083 -40.82 -5.15 -11.69
C SER A 1083 -40.01 -4.39 -10.65
N LYS A 1084 -39.30 -5.10 -9.77
CA LYS A 1084 -38.56 -4.39 -8.74
C LYS A 1084 -37.44 -3.55 -9.35
N TYR A 1085 -36.75 -4.08 -10.36
CA TYR A 1085 -35.70 -3.30 -10.99
C TYR A 1085 -36.28 -2.02 -11.53
N LYS A 1086 -37.41 -2.10 -12.24
CA LYS A 1086 -38.01 -0.90 -12.81
C LYS A 1086 -38.36 0.11 -11.74
N GLU A 1087 -38.84 -0.33 -10.58
CA GLU A 1087 -39.15 0.65 -9.54
C GLU A 1087 -37.90 1.38 -9.09
N LEU A 1088 -36.79 0.65 -8.93
CA LEU A 1088 -35.59 1.28 -8.45
C LEU A 1088 -34.92 2.10 -9.51
N TYR A 1089 -35.02 1.66 -10.74
CA TYR A 1089 -34.44 2.40 -11.81
C TYR A 1089 -35.16 3.73 -11.96
N LYS A 1090 -36.49 3.72 -11.88
CA LYS A 1090 -37.22 4.97 -12.03
C LYS A 1090 -36.87 5.90 -10.88
N GLN A 1091 -36.68 5.36 -9.66
CA GLN A 1091 -36.30 6.26 -8.57
C GLN A 1091 -34.97 6.88 -8.90
N ALA A 1092 -34.05 6.13 -9.48
CA ALA A 1092 -32.76 6.68 -9.85
C ALA A 1092 -32.90 7.77 -10.90
N GLU A 1093 -33.79 7.56 -11.88
CA GLU A 1093 -34.02 8.60 -12.91
C GLU A 1093 -34.33 9.91 -12.20
N ILE A 1094 -35.34 9.90 -11.33
CA ILE A 1094 -35.75 11.14 -10.60
C ILE A 1094 -34.58 11.59 -9.73
N TYR A 1095 -33.88 10.65 -9.09
CA TYR A 1095 -32.71 10.99 -8.24
C TYR A 1095 -31.62 11.63 -9.11
N ALA A 1096 -31.42 11.11 -10.32
CA ALA A 1096 -30.42 11.67 -11.25
C ALA A 1096 -31.09 12.77 -12.10
N ASP A 1112 -32.78 -0.28 -0.13
CA ASP A 1112 -32.72 0.02 -1.54
C ASP A 1112 -31.82 1.19 -1.89
N LYS A 1113 -31.34 1.93 -0.89
CA LYS A 1113 -30.56 3.11 -1.24
C LYS A 1113 -29.34 2.83 -2.09
N PRO A 1114 -28.51 1.79 -1.82
CA PRO A 1114 -27.34 1.47 -2.58
C PRO A 1114 -27.64 1.10 -4.02
N VAL A 1115 -28.87 0.71 -4.32
CA VAL A 1115 -29.17 0.33 -5.67
C VAL A 1115 -29.62 1.54 -6.39
N VAL A 1116 -30.43 2.36 -5.76
CA VAL A 1116 -30.91 3.54 -6.44
C VAL A 1116 -29.72 4.41 -6.72
N ASP A 1117 -28.82 4.57 -5.75
CA ASP A 1117 -27.66 5.40 -5.95
C ASP A 1117 -26.75 4.75 -7.01
N PHE A 1118 -26.66 3.42 -7.05
CA PHE A 1118 -25.84 2.83 -8.07
C PHE A 1118 -26.42 3.12 -9.44
N LEU A 1119 -27.72 2.87 -9.58
CA LEU A 1119 -28.39 3.01 -10.91
C LEU A 1119 -28.28 4.44 -11.44
N TYR A 1120 -28.66 5.44 -10.65
CA TYR A 1120 -28.68 6.83 -11.20
C TYR A 1120 -27.27 7.24 -11.59
N ASN A 1121 -26.26 6.89 -10.78
CA ASN A 1121 -24.85 7.21 -11.16
C ASN A 1121 -24.51 6.47 -12.44
N LEU A 1122 -24.93 5.21 -12.57
CA LEU A 1122 -24.71 4.45 -13.82
C LEU A 1122 -25.50 5.13 -14.94
N TYR A 1123 -26.71 5.58 -14.65
CA TYR A 1123 -27.58 6.24 -15.66
C TYR A 1123 -26.96 7.57 -16.07
N LEU A 1124 -26.56 8.40 -15.09
CA LEU A 1124 -25.89 9.64 -15.42
C LEU A 1124 -24.73 9.42 -16.37
N GLN A 1125 -24.01 8.31 -16.23
CA GLN A 1125 -22.90 8.05 -17.12
C GLN A 1125 -23.31 7.33 -18.40
N ASN A 1126 -24.61 7.04 -18.57
CA ASN A 1126 -25.18 6.35 -19.71
C ASN A 1126 -26.33 7.13 -20.33
N GLY A 1127 -26.09 8.42 -20.57
CA GLY A 1127 -27.07 9.34 -21.19
C GLY A 1127 -27.87 10.29 -20.28
N GLY A 1128 -27.91 10.04 -18.94
CA GLY A 1128 -28.62 10.85 -17.98
C GLY A 1128 -27.98 12.23 -17.80
N THR A 1154 -32.19 13.60 -21.94
CA THR A 1154 -31.34 12.76 -21.12
C THR A 1154 -31.88 11.27 -21.08
N PRO A 1155 -32.01 10.54 -22.26
CA PRO A 1155 -32.48 9.16 -22.35
C PRO A 1155 -31.42 8.21 -21.84
N SER A 1156 -31.84 7.09 -21.30
CA SER A 1156 -30.95 6.03 -20.88
C SER A 1156 -30.66 5.13 -22.06
N THR A 1157 -29.41 4.74 -22.21
CA THR A 1157 -29.00 3.87 -23.32
C THR A 1157 -29.48 2.44 -23.18
N VAL A 1158 -28.80 1.68 -22.32
CA VAL A 1158 -29.13 0.26 -22.18
C VAL A 1158 -29.57 -0.24 -20.81
N TYR A 1159 -29.66 0.61 -19.80
CA TYR A 1159 -30.00 0.10 -18.47
C TYR A 1159 -31.38 0.46 -17.92
N SER A 1160 -32.29 1.05 -18.70
CA SER A 1160 -33.60 1.39 -18.14
C SER A 1160 -34.57 0.24 -18.06
N THR A 1161 -34.26 -0.81 -18.79
CA THR A 1161 -35.09 -1.99 -18.87
C THR A 1161 -34.31 -3.15 -18.27
N PRO A 1162 -34.83 -3.91 -17.30
CA PRO A 1162 -34.15 -5.02 -16.67
C PRO A 1162 -33.84 -6.14 -17.62
N GLU A 1163 -34.60 -6.26 -18.71
CA GLU A 1163 -34.28 -7.25 -19.69
C GLU A 1163 -32.99 -6.77 -20.35
N GLY A 1164 -32.95 -5.46 -20.60
CA GLY A 1164 -31.80 -4.81 -21.19
C GLY A 1164 -30.59 -4.93 -20.26
N TYR A 1165 -30.82 -4.84 -18.95
CA TYR A 1165 -29.75 -4.97 -17.96
C TYR A 1165 -29.07 -6.33 -18.12
N ILE A 1166 -29.86 -7.39 -18.15
CA ILE A 1166 -29.32 -8.74 -18.29
C ILE A 1166 -28.56 -8.90 -19.57
N HIS A 1167 -29.08 -8.32 -20.64
CA HIS A 1167 -28.39 -8.45 -21.90
C HIS A 1167 -27.05 -7.70 -21.99
N GLN A 1168 -26.75 -6.84 -21.01
CA GLN A 1168 -25.48 -6.15 -20.98
C GLN A 1168 -24.53 -6.78 -19.97
N GLU A 1169 -25.07 -7.26 -18.86
CA GLU A 1169 -24.25 -7.75 -17.78
C GLU A 1169 -24.09 -9.27 -17.63
N ALA A 1170 -25.10 -10.04 -18.00
CA ALA A 1170 -25.03 -11.49 -17.74
C ALA A 1170 -24.71 -12.27 -19.02
N ALA A 1171 -24.32 -13.54 -18.89
CA ALA A 1171 -24.04 -14.39 -20.06
C ALA A 1171 -25.10 -15.49 -20.09
N MET A 1172 -25.76 -15.69 -21.23
CA MET A 1172 -26.89 -16.65 -21.25
C MET A 1172 -26.50 -17.91 -22.04
N ASP A 1173 -26.63 -19.08 -21.41
CA ASP A 1173 -26.32 -20.37 -22.08
C ASP A 1173 -27.57 -20.90 -22.77
N CYS A 1174 -28.70 -20.21 -22.61
CA CYS A 1174 -30.00 -20.72 -23.16
C CYS A 1174 -29.92 -20.96 -24.67
N LYS A 1175 -30.73 -21.88 -25.18
CA LYS A 1175 -30.80 -22.19 -26.59
C LYS A 1175 -32.10 -21.88 -27.25
N GLN A 1176 -32.03 -21.03 -28.28
CA GLN A 1176 -33.15 -20.62 -29.12
C GLN A 1176 -34.19 -19.81 -28.38
N GLN A 1177 -33.90 -19.42 -27.16
CA GLN A 1177 -34.79 -18.61 -26.34
C GLN A 1177 -33.87 -17.60 -25.70
N HIS A 1178 -33.31 -16.74 -26.52
CA HIS A 1178 -32.23 -15.88 -26.11
C HIS A 1178 -32.64 -14.47 -25.76
N VAL A 1179 -33.91 -14.13 -25.89
CA VAL A 1179 -34.32 -12.76 -25.66
C VAL A 1179 -35.23 -12.56 -24.47
N PHE A 1180 -34.81 -11.76 -23.48
CA PHE A 1180 -35.66 -11.56 -22.33
C PHE A 1180 -36.78 -10.57 -22.61
N CYS A 1181 -36.58 -9.68 -23.55
CA CYS A 1181 -37.59 -8.68 -23.88
C CYS A 1181 -38.81 -9.33 -24.54
N ASP A 1182 -40.03 -8.94 -24.11
CA ASP A 1182 -41.32 -9.42 -24.64
C ASP A 1182 -41.86 -8.44 -25.71
N LYS A 1192 -40.47 -13.77 -30.61
CA LYS A 1192 -40.26 -15.01 -31.37
C LYS A 1192 -39.31 -15.96 -30.60
N GLN A 1193 -38.13 -15.44 -30.17
CA GLN A 1193 -37.05 -16.16 -29.47
C GLN A 1193 -37.04 -15.76 -28.00
N TYR A 1194 -38.22 -15.42 -27.52
CA TYR A 1194 -38.47 -14.98 -26.17
C TYR A 1194 -38.05 -16.04 -25.18
N ALA A 1195 -37.32 -15.57 -24.18
CA ALA A 1195 -36.72 -16.38 -23.14
C ALA A 1195 -37.69 -17.27 -22.43
N PHE A 1196 -38.92 -16.84 -22.27
CA PHE A 1196 -39.87 -17.66 -21.55
C PHE A 1196 -41.00 -18.20 -22.42
N ARG A 1197 -40.79 -18.31 -23.73
CA ARG A 1197 -41.82 -18.82 -24.62
C ARG A 1197 -42.14 -20.26 -24.23
N HIS A 1198 -43.39 -20.68 -24.46
CA HIS A 1198 -43.78 -22.09 -24.14
C HIS A 1198 -42.89 -23.04 -24.95
N GLN A 1199 -42.95 -22.95 -26.28
CA GLN A 1199 -42.15 -23.84 -27.16
C GLN A 1199 -41.21 -23.00 -28.02
N PRO A 1200 -39.91 -23.34 -28.16
CA PRO A 1200 -38.99 -22.50 -28.91
C PRO A 1200 -39.41 -22.41 -30.38
N HIS A 1201 -39.29 -21.22 -30.97
CA HIS A 1201 -39.70 -21.00 -32.39
C HIS A 1201 -39.21 -22.14 -33.28
N ASP A 1202 -38.14 -22.82 -32.88
CA ASP A 1202 -37.55 -23.90 -33.74
C ASP A 1202 -38.32 -25.19 -33.48
N TYR A 1203 -38.66 -25.47 -32.22
CA TYR A 1203 -39.44 -26.67 -31.88
C TYR A 1203 -40.94 -26.38 -32.02
N GLN B 1 29.84 30.98 30.01
CA GLN B 1 30.92 31.57 29.24
C GLN B 1 30.79 31.24 27.73
N ARG B 2 31.19 29.99 27.32
CA ARG B 2 31.19 29.52 25.92
C ARG B 2 31.32 28.01 25.75
N LEU B 3 30.99 27.54 24.55
CA LEU B 3 31.29 26.18 24.12
C LEU B 3 32.04 26.14 22.83
N HIS B 4 33.13 25.41 22.88
CA HIS B 4 34.02 25.14 21.76
C HIS B 4 34.08 23.66 21.46
N MET B 5 33.38 23.28 20.42
CA MET B 5 33.20 21.89 20.04
C MET B 5 34.04 21.59 18.84
N LEU B 6 34.72 20.47 18.90
CA LEU B 6 35.58 20.06 17.82
C LEU B 6 35.47 18.61 17.42
N GLN B 7 35.34 18.36 16.12
CA GLN B 7 35.42 16.96 15.73
C GLN B 7 36.33 16.84 14.56
N ILE B 8 36.99 15.71 14.49
CA ILE B 8 37.80 15.36 13.39
C ILE B 8 37.29 14.06 12.80
N SER B 9 36.98 14.08 11.53
CA SER B 9 36.47 12.91 10.91
C SER B 9 37.48 12.44 9.89
N TYR B 10 37.99 11.24 10.08
CA TYR B 10 38.99 10.74 9.16
C TYR B 10 38.36 9.74 8.24
N PHE B 11 38.22 10.13 7.00
CA PHE B 11 37.58 9.25 6.04
C PHE B 11 38.63 8.50 5.29
N ARG B 12 38.75 7.21 5.57
CA ARG B 12 39.71 6.36 4.82
C ARG B 12 38.98 5.99 3.54
N ASP B 13 37.66 5.85 3.67
CA ASP B 13 36.79 5.55 2.51
C ASP B 13 35.60 6.49 2.63
N PRO B 14 34.85 6.80 1.55
CA PRO B 14 33.69 7.64 1.69
C PRO B 14 32.81 6.85 2.66
N TYR B 15 32.78 5.52 2.51
CA TYR B 15 31.97 4.66 3.41
C TYR B 15 32.76 4.15 4.63
N HIS B 16 33.91 4.75 4.96
CA HIS B 16 34.61 4.30 6.14
C HIS B 16 35.22 5.46 6.90
N VAL B 17 34.61 5.81 8.04
CA VAL B 17 35.11 6.97 8.76
C VAL B 17 35.36 6.76 10.23
N TRP B 18 36.50 7.24 10.65
CA TRP B 18 36.89 7.23 12.04
C TRP B 18 36.59 8.58 12.65
N TYR B 19 35.76 8.63 13.69
CA TYR B 19 35.50 9.93 14.26
C TYR B 19 36.23 10.08 15.57
N GLN B 20 36.71 11.29 15.80
CA GLN B 20 37.29 11.62 17.08
C GLN B 20 36.96 13.07 17.40
N GLY B 21 36.61 13.37 18.63
CA GLY B 21 36.31 14.76 18.93
C GLY B 21 36.10 15.00 20.40
N ASN B 22 35.76 16.24 20.70
CA ASN B 22 35.53 16.67 22.05
C ASN B 22 34.81 17.99 22.14
N ALA B 23 34.55 18.41 23.37
CA ALA B 23 34.02 19.73 23.57
C ALA B 23 34.50 20.28 24.88
N SER B 24 34.82 21.57 24.86
CA SER B 24 35.25 22.28 26.05
C SER B 24 34.25 23.36 26.44
N LEU B 25 33.98 23.40 27.73
CA LEU B 25 33.07 24.36 28.32
C LEU B 25 33.95 25.40 28.93
N GLY B 26 33.86 26.60 28.43
CA GLY B 26 34.80 27.58 28.86
C GLY B 26 36.15 27.03 28.42
N GLY B 27 37.09 26.93 29.33
CA GLY B 27 38.40 26.41 29.01
C GLY B 27 38.63 24.94 29.36
N HIS B 28 37.60 24.18 29.75
CA HIS B 28 37.89 22.82 30.19
C HIS B 28 37.10 21.73 29.50
N LEU B 29 37.78 20.64 29.22
CA LEU B 29 37.17 19.50 28.57
C LEU B 29 35.96 19.01 29.37
N THR B 30 34.85 18.85 28.68
CA THR B 30 33.62 18.40 29.29
C THR B 30 33.10 17.12 28.65
N HIS B 31 33.33 16.99 27.33
CA HIS B 31 32.85 15.86 26.53
C HIS B 31 33.92 15.33 25.61
N VAL B 32 33.84 14.03 25.30
CA VAL B 32 34.69 13.40 24.28
C VAL B 32 33.85 12.58 23.30
N LEU B 33 34.41 12.34 22.14
CA LEU B 33 33.79 11.53 21.10
C LEU B 33 34.80 10.61 20.40
N GLU B 34 34.53 9.31 20.30
CA GLU B 34 35.46 8.49 19.53
C GLU B 34 34.92 7.15 19.04
N GLY B 35 35.26 6.82 17.80
CA GLY B 35 34.96 5.51 17.22
C GLY B 35 34.55 5.65 15.76
N PRO B 36 34.34 4.54 15.06
CA PRO B 36 33.98 4.46 13.65
C PRO B 36 32.53 4.84 13.45
N ASP B 37 32.11 5.08 12.21
CA ASP B 37 30.71 5.42 11.98
C ASP B 37 29.72 4.37 12.40
N THR B 38 30.15 3.13 12.47
CA THR B 38 29.27 2.06 12.91
C THR B 38 29.24 1.81 14.45
N ASN B 39 30.16 2.45 15.24
CA ASN B 39 30.33 2.25 16.67
C ASN B 39 30.97 3.49 17.35
N THR B 40 30.45 4.72 17.08
CA THR B 40 31.00 5.98 17.68
C THR B 40 30.41 6.22 19.05
N THR B 41 31.27 6.36 20.05
CA THR B 41 30.79 6.54 21.40
C THR B 41 30.95 7.98 21.83
N ILE B 42 29.87 8.55 22.34
CA ILE B 42 29.91 9.93 22.77
C ILE B 42 29.75 9.96 24.28
N ILE B 43 30.73 10.53 24.97
CA ILE B 43 30.78 10.52 26.42
C ILE B 43 30.81 11.87 27.10
N GLN B 44 29.91 12.06 28.05
CA GLN B 44 29.99 13.27 28.84
C GLN B 44 30.94 12.90 29.96
N LEU B 45 32.02 13.67 30.15
CA LEU B 45 33.01 13.32 31.16
C LEU B 45 32.59 13.86 32.49
N GLN B 46 31.95 15.00 32.43
CA GLN B 46 31.46 15.67 33.61
C GLN B 46 29.96 15.47 33.56
N PRO B 47 29.37 14.52 34.32
CA PRO B 47 27.98 14.10 34.20
C PRO B 47 27.04 15.10 34.83
N LEU B 48 27.01 16.27 34.23
CA LEU B 48 26.23 17.38 34.70
C LEU B 48 24.87 17.42 34.06
N GLN B 49 24.72 16.81 32.87
CA GLN B 49 23.48 16.83 32.14
C GLN B 49 22.64 15.64 32.60
N GLU B 50 21.35 15.85 32.78
CA GLU B 50 20.48 14.78 33.23
C GLU B 50 20.60 13.64 32.23
N PRO B 51 20.62 12.36 32.64
CA PRO B 51 20.68 11.20 31.77
C PRO B 51 19.67 11.20 30.62
N GLU B 52 18.46 11.70 30.85
CA GLU B 52 17.45 11.71 29.78
C GLU B 52 17.80 12.75 28.74
N SER B 53 18.21 13.91 29.20
CA SER B 53 18.60 15.01 28.35
C SER B 53 19.82 14.59 27.58
N TRP B 54 20.73 13.92 28.27
CA TRP B 54 21.93 13.45 27.66
C TRP B 54 21.62 12.42 26.61
N ALA B 55 20.74 11.47 26.88
CA ALA B 55 20.40 10.50 25.86
C ALA B 55 19.82 11.18 24.64
N ARG B 56 18.99 12.21 24.85
CA ARG B 56 18.42 12.93 23.72
C ARG B 56 19.51 13.66 22.96
N THR B 57 20.47 14.19 23.70
CA THR B 57 21.59 14.90 23.12
C THR B 57 22.41 13.95 22.29
N GLN B 58 22.67 12.74 22.81
CA GLN B 58 23.44 11.76 22.07
C GLN B 58 22.72 11.37 20.81
N SER B 59 21.41 11.24 20.87
CA SER B 59 20.66 10.87 19.69
C SER B 59 20.81 11.95 18.64
N GLY B 60 20.69 13.22 19.05
CA GLY B 60 20.84 14.32 18.14
C GLY B 60 22.24 14.35 17.54
N LEU B 61 23.25 14.06 18.34
CA LEU B 61 24.61 14.04 17.86
C LEU B 61 24.83 12.88 16.91
N GLN B 62 24.26 11.72 17.18
CA GLN B 62 24.44 10.59 16.28
C GLN B 62 23.74 10.88 14.97
N SER B 63 22.58 11.56 15.05
CA SER B 63 21.82 11.92 13.87
C SER B 63 22.68 12.86 13.06
N TYR B 64 23.30 13.82 13.74
CA TYR B 64 24.20 14.72 13.09
C TYR B 64 25.30 14.00 12.41
N LEU B 65 25.96 13.06 13.10
CA LEU B 65 27.08 12.38 12.49
C LEU B 65 26.64 11.58 11.29
N LEU B 66 25.48 10.93 11.34
CA LEU B 66 25.05 10.19 10.17
C LEU B 66 24.72 11.13 9.03
N GLN B 67 24.10 12.27 9.31
CA GLN B 67 23.77 13.21 8.25
C GLN B 67 25.02 13.81 7.68
N PHE B 68 26.00 14.07 8.53
CA PHE B 68 27.28 14.59 8.17
C PHE B 68 27.95 13.65 7.22
N HIS B 69 27.98 12.37 7.57
CA HIS B 69 28.58 11.38 6.73
C HIS B 69 27.82 11.35 5.42
N GLY B 70 26.48 11.37 5.47
CA GLY B 70 25.69 11.34 4.26
C GLY B 70 26.04 12.52 3.37
N LEU B 71 26.29 13.69 3.95
CA LEU B 71 26.66 14.84 3.16
C LEU B 71 28.02 14.60 2.53
N VAL B 72 28.97 14.04 3.26
CA VAL B 72 30.27 13.78 2.65
C VAL B 72 30.13 12.78 1.52
N ARG B 73 29.34 11.72 1.71
CA ARG B 73 29.18 10.73 0.65
C ARG B 73 28.57 11.35 -0.57
N LEU B 74 27.59 12.22 -0.40
CA LEU B 74 26.95 12.86 -1.52
C LEU B 74 27.88 13.78 -2.22
N VAL B 75 28.65 14.55 -1.46
CA VAL B 75 29.65 15.47 -2.07
C VAL B 75 30.63 14.64 -2.91
N HIS B 76 31.15 13.55 -2.33
CA HIS B 76 32.12 12.69 -3.05
C HIS B 76 31.47 12.08 -4.30
N GLN B 77 30.21 11.66 -4.18
CA GLN B 77 29.51 11.00 -5.32
C GLN B 77 29.31 12.01 -6.45
N GLU B 78 28.70 13.16 -6.14
CA GLU B 78 28.47 14.23 -7.15
C GLU B 78 29.80 14.85 -7.56
N ARG B 79 30.63 15.25 -6.58
CA ARG B 79 31.92 15.91 -6.87
C ARG B 79 33.04 14.98 -6.37
N THR B 80 34.05 14.70 -7.20
CA THR B 80 35.04 13.70 -6.74
C THR B 80 35.72 14.22 -5.48
N LEU B 81 35.92 13.34 -4.49
CA LEU B 81 36.60 13.73 -3.23
C LEU B 81 37.79 12.79 -3.04
N ALA B 82 38.98 13.33 -2.78
CA ALA B 82 40.12 12.45 -2.65
C ALA B 82 40.15 11.91 -1.26
N PHE B 83 40.59 10.67 -1.10
CA PHE B 83 40.73 10.10 0.23
C PHE B 83 42.18 9.61 0.42
N PRO B 84 42.71 9.59 1.65
CA PRO B 84 42.12 9.92 2.93
C PRO B 84 41.75 11.37 2.99
N LEU B 85 40.62 11.63 3.62
CA LEU B 85 40.09 12.97 3.77
C LEU B 85 39.85 13.29 5.22
N THR B 86 40.42 14.39 5.69
CA THR B 86 40.18 14.71 7.09
C THR B 86 39.30 15.95 7.21
N ILE B 87 38.18 15.81 7.88
CA ILE B 87 37.30 16.97 8.05
C ILE B 87 37.41 17.43 9.47
N ARG B 88 37.69 18.70 9.66
CA ARG B 88 37.81 19.25 10.98
C ARG B 88 36.77 20.32 11.21
N CYS B 89 35.79 20.03 12.06
CA CYS B 89 34.73 21.00 12.25
C CYS B 89 34.87 21.64 13.61
N PHE B 90 34.86 22.95 13.61
CA PHE B 90 34.96 23.75 14.81
C PHE B 90 33.74 24.64 14.92
N LEU B 91 32.99 24.45 15.95
CA LEU B 91 31.77 25.18 16.09
C LEU B 91 31.59 25.64 17.50
N GLY B 92 30.83 26.68 17.69
CA GLY B 92 30.59 27.07 19.05
C GLY B 92 29.72 28.28 19.20
N CYS B 93 29.50 28.64 20.47
CA CYS B 93 28.69 29.76 20.92
C CYS B 93 29.39 30.45 22.09
N GLU B 94 29.30 31.77 22.10
CA GLU B 94 29.95 32.56 23.14
C GLU B 94 29.03 33.63 23.72
N LEU B 95 29.03 33.73 25.05
CA LEU B 95 28.14 34.72 25.72
C LEU B 95 28.94 35.99 26.00
N GLY B 99 27.53 41.75 27.79
CA GLY B 99 26.67 40.63 28.09
C GLY B 99 25.33 40.70 27.32
N SER B 100 25.42 40.74 25.98
CA SER B 100 24.31 40.81 25.02
C SER B 100 24.07 39.47 24.32
N ARG B 101 23.44 39.54 23.15
CA ARG B 101 23.07 38.35 22.39
C ARG B 101 24.30 37.54 22.04
N ALA B 102 24.17 36.23 22.14
CA ALA B 102 25.26 35.31 21.88
C ALA B 102 25.80 35.36 20.46
N HIS B 103 27.10 35.15 20.39
CA HIS B 103 27.86 35.06 19.17
C HIS B 103 28.02 33.61 18.82
N VAL B 104 27.74 33.22 17.59
CA VAL B 104 27.95 31.83 17.27
C VAL B 104 28.77 31.73 16.03
N PHE B 105 29.39 30.59 15.85
CA PHE B 105 30.16 30.34 14.66
C PHE B 105 30.17 28.87 14.33
N PHE B 106 30.51 28.57 13.09
CA PHE B 106 30.68 27.20 12.68
C PHE B 106 31.58 27.27 11.49
N GLU B 107 32.72 26.60 11.57
CA GLU B 107 33.64 26.59 10.46
C GLU B 107 34.15 25.18 10.24
N VAL B 108 34.30 24.84 8.99
CA VAL B 108 34.76 23.53 8.62
C VAL B 108 35.99 23.64 7.79
N ALA B 109 37.02 22.91 8.19
CA ALA B 109 38.26 22.84 7.45
C ALA B 109 38.42 21.48 6.83
N VAL B 110 39.06 21.43 5.68
CA VAL B 110 39.34 20.16 5.04
C VAL B 110 40.84 20.01 4.96
N ASN B 111 41.34 18.95 5.57
CA ASN B 111 42.76 18.67 5.65
C ASN B 111 43.51 19.86 6.24
N GLY B 112 42.89 20.52 7.21
CA GLY B 112 43.46 21.67 7.89
C GLY B 112 43.21 23.03 7.22
N SER B 113 42.65 23.05 6.02
CA SER B 113 42.41 24.30 5.29
C SER B 113 40.97 24.75 5.40
N SER B 114 40.69 25.76 6.15
CA SER B 114 39.30 26.23 6.36
C SER B 114 38.55 26.12 5.03
N PHE B 115 37.48 25.33 4.99
CA PHE B 115 36.76 25.10 3.72
C PHE B 115 35.46 25.92 3.71
N VAL B 116 34.75 26.01 4.84
CA VAL B 116 33.40 26.68 4.82
C VAL B 116 32.99 27.25 6.19
N SER B 117 31.99 28.14 6.23
CA SER B 117 31.48 28.68 7.52
C SER B 117 30.00 29.10 7.48
N PHE B 118 29.33 29.15 8.65
CA PHE B 118 27.95 29.60 8.80
C PHE B 118 27.82 31.01 9.35
N ARG B 119 26.94 31.79 8.72
CA ARG B 119 26.61 33.15 9.09
C ARG B 119 25.10 33.32 9.35
N PRO B 120 24.65 33.15 10.61
CA PRO B 120 23.28 33.14 11.11
C PRO B 120 22.46 34.34 10.73
N GLU B 121 23.12 35.46 10.45
CA GLU B 121 22.40 36.69 10.11
C GLU B 121 21.44 36.52 8.96
N ARG B 122 21.77 35.65 8.00
CA ARG B 122 20.88 35.42 6.88
C ARG B 122 20.55 33.93 6.79
N ALA B 123 20.96 33.21 7.82
CA ALA B 123 20.90 31.77 7.90
C ALA B 123 21.60 31.14 6.71
N LEU B 124 22.77 31.66 6.35
CA LEU B 124 23.47 31.13 5.18
C LEU B 124 24.87 30.66 5.45
N TRP B 125 25.28 29.71 4.64
CA TRP B 125 26.63 29.24 4.63
C TRP B 125 27.36 29.92 3.50
N GLN B 126 28.64 30.20 3.72
CA GLN B 126 29.49 30.79 2.68
C GLN B 126 30.87 30.17 2.75
N ALA B 127 31.62 30.23 1.68
CA ALA B 127 32.97 29.71 1.73
C ALA B 127 33.89 30.59 2.55
N ASP B 128 34.83 29.96 3.26
CA ASP B 128 35.89 30.72 3.89
C ASP B 128 37.06 30.75 2.94
N THR B 129 37.20 29.66 2.19
CA THR B 129 38.30 29.54 1.27
C THR B 129 38.19 30.53 0.15
N GLN B 130 39.33 31.07 -0.27
CA GLN B 130 39.35 32.01 -1.38
C GLN B 130 39.23 31.28 -2.71
N VAL B 131 39.37 29.95 -2.68
CA VAL B 131 39.29 29.20 -3.91
C VAL B 131 38.00 28.42 -3.98
N THR B 132 37.07 28.91 -4.80
CA THR B 132 35.82 28.21 -4.95
C THR B 132 35.99 27.22 -6.08
N SER B 133 35.56 26.01 -5.82
CA SER B 133 35.65 24.90 -6.74
C SER B 133 34.36 24.12 -6.65
N GLY B 134 34.22 23.06 -7.45
CA GLY B 134 32.97 22.30 -7.48
C GLY B 134 32.56 21.74 -6.12
N VAL B 135 33.52 21.32 -5.31
CA VAL B 135 33.20 20.78 -4.01
C VAL B 135 32.65 21.85 -3.10
N VAL B 136 33.28 23.01 -3.11
CA VAL B 136 32.88 24.11 -2.27
C VAL B 136 31.51 24.64 -2.64
N THR B 137 31.29 24.88 -3.93
CA THR B 137 29.97 25.37 -4.39
C THR B 137 28.90 24.32 -4.04
N PHE B 138 29.15 23.04 -4.36
CA PHE B 138 28.10 22.00 -4.14
C PHE B 138 27.78 21.87 -2.65
N THR B 139 28.81 21.91 -1.80
CA THR B 139 28.57 21.73 -0.34
C THR B 139 27.70 22.88 0.18
N LEU B 140 27.97 24.10 -0.28
CA LEU B 140 27.20 25.30 0.19
C LEU B 140 25.73 25.14 -0.22
N GLN B 141 25.50 24.65 -1.44
CA GLN B 141 24.11 24.46 -1.93
C GLN B 141 23.28 23.72 -0.87
N GLN B 142 23.66 22.48 -0.55
CA GLN B 142 22.89 21.66 0.41
C GLN B 142 22.69 22.50 1.67
N LEU B 143 23.73 23.23 2.07
CA LEU B 143 23.67 24.07 3.30
C LEU B 143 22.61 25.16 3.14
N ASN B 144 22.49 25.76 1.96
CA ASN B 144 21.56 26.91 1.79
C ASN B 144 20.27 26.49 1.09
N ALA B 145 20.09 25.21 0.78
CA ALA B 145 18.84 24.75 0.19
C ALA B 145 17.86 24.13 1.15
N TYR B 146 18.29 23.70 2.32
CA TYR B 146 17.39 22.96 3.17
C TYR B 146 17.20 23.66 4.49
N ASN B 147 15.98 23.62 5.04
CA ASN B 147 15.75 24.30 6.31
C ASN B 147 16.52 23.58 7.39
N ARG B 148 16.72 22.28 7.21
CA ARG B 148 17.51 21.54 8.16
C ARG B 148 18.94 22.06 8.30
N THR B 149 19.55 22.60 7.25
CA THR B 149 20.92 23.04 7.36
C THR B 149 21.02 24.54 7.63
N ARG B 150 19.95 25.30 7.27
CA ARG B 150 19.95 26.75 7.47
C ARG B 150 19.33 27.23 8.78
N TYR B 151 18.21 26.65 9.19
CA TYR B 151 17.52 27.17 10.37
C TYR B 151 17.57 26.25 11.57
N GLU B 152 17.58 24.94 11.34
CA GLU B 152 17.60 24.05 12.48
C GLU B 152 18.97 24.10 13.13
N LEU B 153 19.99 24.44 12.33
CA LEU B 153 21.33 24.63 12.83
C LEU B 153 21.37 25.86 13.70
N ARG B 154 20.63 26.90 13.34
CA ARG B 154 20.63 28.08 14.17
C ARG B 154 20.02 27.75 15.49
N GLU B 155 18.95 26.95 15.51
CA GLU B 155 18.43 26.63 16.83
C GLU B 155 19.48 25.87 17.62
N PHE B 156 20.24 24.99 16.98
CA PHE B 156 21.26 24.36 17.77
C PHE B 156 22.31 25.37 18.29
N LEU B 157 22.87 26.19 17.40
CA LEU B 157 23.95 27.11 17.79
C LEU B 157 23.53 28.30 18.66
N GLU B 158 22.40 28.90 18.37
CA GLU B 158 21.92 30.09 19.05
C GLU B 158 20.96 29.81 20.20
N ASP B 159 20.57 28.56 20.40
CA ASP B 159 19.62 28.23 21.46
C ASP B 159 20.15 27.03 22.26
N THR B 160 20.15 25.84 21.67
CA THR B 160 20.57 24.66 22.45
C THR B 160 21.98 24.77 23.06
N CYS B 161 22.98 25.23 22.26
CA CYS B 161 24.38 25.45 22.64
C CYS B 161 24.44 26.47 23.78
N VAL B 162 23.77 27.60 23.61
CA VAL B 162 23.84 28.62 24.62
C VAL B 162 23.12 28.20 25.88
N GLN B 163 22.03 27.43 25.79
CA GLN B 163 21.39 27.03 27.02
C GLN B 163 22.34 26.19 27.85
N TYR B 164 23.11 25.33 27.19
CA TYR B 164 24.09 24.50 27.89
C TYR B 164 25.11 25.42 28.58
N VAL B 165 25.60 26.42 27.84
CA VAL B 165 26.59 27.35 28.36
C VAL B 165 26.07 28.17 29.53
N GLN B 166 24.84 28.66 29.41
CA GLN B 166 24.22 29.46 30.45
C GLN B 166 23.96 28.64 31.70
N LYS B 167 23.54 27.39 31.51
CA LYS B 167 23.24 26.49 32.61
C LYS B 167 24.45 25.97 33.39
N HIS B 168 25.58 25.62 32.71
CA HIS B 168 26.77 25.01 33.32
C HIS B 168 27.98 25.96 33.35
C1 PTY C . 21.54 17.99 13.95
C2 PTY C . 17.41 22.23 17.24
C3 PTY C . 17.96 20.94 17.86
O4 PTY C . 20.51 18.58 13.08
C5 PTY C . 20.59 19.38 15.90
C6 PTY C . 21.85 18.94 15.15
O7 PTY C . 22.52 20.15 14.65
C8 PTY C . 23.85 20.28 14.52
O10 PTY C . 24.34 20.44 13.43
C11 PTY C . 24.75 20.29 15.73
C12 PTY C . 25.73 19.09 15.78
C13 PTY C . 26.66 19.17 17.03
C14 PTY C . 27.89 18.24 16.93
C15 PTY C . 29.00 18.84 16.02
C16 PTY C . 30.36 18.07 16.07
C17 PTY C . 31.14 18.24 17.41
C18 PTY C . 31.14 16.94 18.28
C19 PTY C . 31.90 17.11 19.65
C20 PTY C . 31.16 16.52 20.87
C21 PTY C . 29.89 17.32 21.28
C22 PTY C . 29.41 16.96 22.71
C23 PTY C . 28.10 17.69 23.14
C24 PTY C . 28.32 19.17 23.57
C25 PTY C . 27.06 19.81 24.22
C26 PTY C . 25.97 20.21 23.16
C27 PTY C . 24.77 20.97 23.80
C28 PTY C . 23.82 20.05 24.63
C29 PTY C . 22.54 20.77 25.14
C30 PTY C . 20.65 18.87 11.76
C31 PTY C . 21.72 19.80 11.21
O30 PTY C . 19.85 18.38 11.01
C32 PTY C . 22.94 19.05 10.59
C33 PTY C . 23.04 19.15 9.04
C34 PTY C . 24.51 19.08 8.48
C35 PTY C . 25.22 20.47 8.52
C36 PTY C . 26.52 20.53 7.67
C37 PTY C . 27.76 19.81 8.29
C38 PTY C . 29.12 20.49 7.97
C39 PTY C . 29.52 20.51 6.45
C40 PTY C . 30.50 19.37 6.04
C41 PTY C . 30.83 19.41 4.52
C42 PTY C . 32.06 18.53 4.12
C43 PTY C . 32.13 18.28 2.58
C44 PTY C . 33.43 17.57 2.15
P1 PTY C . 18.51 18.43 17.22
O11 PTY C . 17.84 19.89 16.84
O12 PTY C . 17.57 17.25 16.74
O13 PTY C . 18.55 18.19 18.68
O14 PTY C . 20.01 18.23 16.61
N1 PTY C . 17.48 22.12 15.77
C1 NAG D . 32.52 -0.46 20.32
C2 NAG D . 32.70 -2.04 20.13
C3 NAG D . 32.90 -2.70 21.53
C4 NAG D . 34.15 -2.07 22.23
C5 NAG D . 33.94 -0.52 22.36
C6 NAG D . 35.15 0.21 22.96
C7 NAG D . 31.40 -2.88 18.16
C8 NAG D . 30.10 -3.35 17.59
N2 NAG D . 31.47 -2.59 19.48
O3 NAG D . 33.11 -4.10 21.39
O4 NAG D . 34.30 -2.67 23.52
O5 NAG D . 33.70 0.07 21.01
O6 NAG D . 34.94 1.62 22.99
O7 NAG D . 32.38 -2.75 17.41
#